data_2Z4V
#
_entry.id   2Z4V
#
_cell.length_a   47.164
_cell.length_b   115.944
_cell.length_c   128.404
_cell.angle_alpha   90.00
_cell.angle_beta   90.00
_cell.angle_gamma   90.00
#
_symmetry.space_group_name_H-M   'P 21 21 21'
#
loop_
_entity.id
_entity.type
_entity.pdbx_description
1 polymer 'Geranylgeranyl pyrophosphate synthetase'
2 non-polymer 'MAGNESIUM ION'
3 non-polymer 'GERANYLGERANYL DIPHOSPHATE'
4 water water
#
_entity_poly.entity_id   1
_entity_poly.type   'polypeptide(L)'
_entity_poly.pdbx_seq_one_letter_code
;MTKNKMEAKIDELINNDPVWSSQNESLISKPYNHILLKPGKNFRLNLIVQINRVMNLPKDQLAIVSQIVELLHNSSLLID
DIEDNAPLRRGQTTSHLIFGVPSTINTANYMYFRAMQLVSQLTTKEPLYHNLITIFNEELINLHRGQGLDIYWRDFLPEI
IPTQEMYLNMVMNKTGGLFRLTLRLMEALSPSSHHGHSLVPFINLLGIIYQIRDDYLNLKDFQMSSEKGFAEDITEGKLS
FPIVHALNFTKTKGQTEQHNEILRILLLRTSDKDIKLKLIQILEFDTNSLAYTKNFINQLVNMIKNDNENKYLPDLASHS
DTATNLHDELLYIIDHLSEL
;
_entity_poly.pdbx_strand_id   A,B
#
loop_
_chem_comp.id
_chem_comp.type
_chem_comp.name
_chem_comp.formula
GRG non-polymer 'GERANYLGERANYL DIPHOSPHATE' 'C20 H36 O7 P2'
MG non-polymer 'MAGNESIUM ION' 'Mg 2'
#
# COMPACT_ATOMS: atom_id res chain seq x y z
N ASN A 4 15.62 -20.77 -31.68
CA ASN A 4 16.91 -20.90 -30.94
C ASN A 4 17.45 -19.59 -30.36
N LYS A 5 17.41 -18.50 -31.13
CA LYS A 5 17.90 -17.26 -30.55
C LYS A 5 16.87 -16.88 -29.48
N MET A 6 15.60 -17.24 -29.72
CA MET A 6 14.52 -16.94 -28.79
C MET A 6 14.82 -17.70 -27.48
N GLU A 7 15.17 -18.97 -27.59
CA GLU A 7 15.47 -19.78 -26.42
C GLU A 7 16.68 -19.25 -25.70
N ALA A 8 17.69 -18.84 -26.46
CA ALA A 8 18.89 -18.29 -25.88
C ALA A 8 18.56 -17.03 -25.08
N LYS A 9 17.70 -16.18 -25.65
CA LYS A 9 17.35 -14.94 -24.98
C LYS A 9 16.49 -15.21 -23.73
N ILE A 10 15.53 -16.12 -23.83
CA ILE A 10 14.66 -16.47 -22.69
C ILE A 10 15.54 -17.12 -21.63
N ASP A 11 16.44 -18.02 -22.05
CA ASP A 11 17.33 -18.62 -21.07
C ASP A 11 18.18 -17.57 -20.33
N GLU A 12 18.68 -16.55 -21.02
CA GLU A 12 19.49 -15.48 -20.40
C GLU A 12 18.61 -14.66 -19.41
N LEU A 13 17.42 -14.35 -19.87
CA LEU A 13 16.49 -13.56 -19.02
C LEU A 13 16.18 -14.30 -17.67
N ILE A 14 15.75 -15.56 -17.75
CA ILE A 14 15.35 -16.28 -16.56
C ILE A 14 16.46 -16.70 -15.62
N ASN A 15 17.70 -16.57 -16.10
CA ASN A 15 18.86 -16.92 -15.26
C ASN A 15 19.54 -15.73 -14.65
N ASN A 16 18.91 -14.55 -14.77
CA ASN A 16 19.47 -13.34 -14.21
C ASN A 16 18.40 -12.61 -13.37
N ASP A 17 18.87 -11.77 -12.47
CA ASP A 17 17.94 -10.99 -11.66
C ASP A 17 17.16 -10.11 -12.66
N PRO A 18 15.97 -9.66 -12.22
CA PRO A 18 15.14 -8.81 -13.07
C PRO A 18 15.87 -7.51 -13.35
N VAL A 19 15.73 -7.01 -14.58
CA VAL A 19 16.39 -5.80 -15.01
C VAL A 19 15.58 -4.59 -14.54
N TRP A 20 16.30 -3.61 -14.00
CA TRP A 20 15.69 -2.36 -13.50
C TRP A 20 16.72 -1.24 -13.67
N SER A 21 16.42 -0.23 -14.46
CA SER A 21 17.37 0.85 -14.64
C SER A 21 17.12 2.06 -13.78
N SER A 22 18.10 2.96 -13.77
CA SER A 22 17.98 4.20 -13.00
C SER A 22 16.92 5.05 -13.72
N GLN A 23 16.77 4.94 -15.04
CA GLN A 23 15.71 5.71 -15.72
C GLN A 23 14.32 5.19 -15.25
N ASN A 24 14.20 3.88 -15.13
CA ASN A 24 12.93 3.25 -14.69
C ASN A 24 12.63 3.76 -13.28
N GLU A 25 13.65 3.78 -12.43
CA GLU A 25 13.53 4.24 -11.06
C GLU A 25 13.04 5.70 -11.04
N SER A 26 13.64 6.55 -11.84
CA SER A 26 13.17 7.93 -11.90
C SER A 26 11.72 8.05 -12.38
N LEU A 27 11.34 7.32 -13.42
CA LEU A 27 9.97 7.48 -13.94
C LEU A 27 8.92 7.08 -12.92
N ILE A 28 9.15 6.01 -12.17
CA ILE A 28 8.11 5.64 -11.21
C ILE A 28 8.22 6.40 -9.89
N SER A 29 9.23 7.25 -9.74
CA SER A 29 9.31 8.00 -8.49
C SER A 29 8.57 9.33 -8.55
N LYS A 30 7.99 9.69 -9.69
CA LYS A 30 7.36 10.99 -9.81
C LYS A 30 6.42 11.44 -8.71
N PRO A 31 5.46 10.59 -8.29
CA PRO A 31 4.52 10.97 -7.24
C PRO A 31 5.22 11.29 -5.94
N TYR A 32 6.28 10.54 -5.68
CA TYR A 32 7.06 10.75 -4.44
C TYR A 32 7.91 12.04 -4.52
N ASN A 33 8.65 12.20 -5.62
CA ASN A 33 9.40 13.44 -5.75
C ASN A 33 8.51 14.64 -5.60
N HIS A 34 7.29 14.59 -6.09
CA HIS A 34 6.41 15.74 -5.98
C HIS A 34 6.09 16.10 -4.52
N ILE A 35 5.72 15.11 -3.70
CA ILE A 35 5.41 15.46 -2.32
C ILE A 35 6.63 15.96 -1.55
N LEU A 36 7.82 15.55 -1.98
CA LEU A 36 9.08 16.01 -1.35
C LEU A 36 9.21 17.56 -1.44
N LEU A 37 8.49 18.17 -2.37
CA LEU A 37 8.52 19.64 -2.51
C LEU A 37 7.79 20.35 -1.40
N LYS A 38 7.03 19.60 -0.61
CA LYS A 38 6.22 20.16 0.47
C LYS A 38 7.00 20.41 1.76
N PRO A 39 6.69 21.50 2.47
CA PRO A 39 7.49 21.65 3.68
C PRO A 39 7.11 20.76 4.88
N GLY A 40 7.96 20.75 5.89
CA GLY A 40 7.72 19.96 7.09
C GLY A 40 8.95 19.17 7.54
N LYS A 41 9.78 18.81 6.56
CA LYS A 41 10.98 18.02 6.78
C LYS A 41 11.81 18.59 7.93
N ASN A 42 12.05 19.89 7.91
CA ASN A 42 12.87 20.53 8.94
C ASN A 42 12.24 20.39 10.31
N PHE A 43 10.92 20.43 10.37
CA PHE A 43 10.28 20.31 11.66
C PHE A 43 10.37 18.90 12.21
N ARG A 44 10.14 17.91 11.36
CA ARG A 44 10.25 16.55 11.85
C ARG A 44 11.67 16.24 12.27
N LEU A 45 12.64 16.78 11.54
CA LEU A 45 14.03 16.55 11.87
C LEU A 45 14.29 17.21 13.21
N ASN A 46 13.61 18.32 13.51
CA ASN A 46 13.86 18.95 14.80
C ASN A 46 13.37 18.14 16.00
N LEU A 47 12.26 17.44 15.87
CA LEU A 47 11.78 16.65 16.99
C LEU A 47 12.70 15.43 17.16
N ILE A 48 13.15 14.84 16.06
CA ILE A 48 14.05 13.69 16.12
C ILE A 48 15.36 14.14 16.84
N VAL A 49 15.85 15.32 16.48
CA VAL A 49 17.08 15.88 17.09
C VAL A 49 16.94 16.06 18.62
N GLN A 50 15.84 16.67 19.05
CA GLN A 50 15.63 16.86 20.47
C GLN A 50 15.53 15.56 21.23
N ILE A 51 14.79 14.59 20.69
CA ILE A 51 14.68 13.30 21.40
C ILE A 51 16.07 12.62 21.44
N ASN A 52 16.92 12.88 20.44
CA ASN A 52 18.23 12.24 20.44
C ASN A 52 19.15 12.82 21.51
N ARG A 53 18.76 13.95 22.07
CA ARG A 53 19.57 14.53 23.13
C ARG A 53 19.42 13.60 24.32
N VAL A 54 18.39 12.77 24.29
CA VAL A 54 18.14 11.78 25.33
C VAL A 54 18.68 10.40 24.92
N MET A 55 18.45 10.06 23.65
CA MET A 55 18.85 8.75 23.15
C MET A 55 20.32 8.60 22.71
N ASN A 56 20.97 9.69 22.31
CA ASN A 56 22.38 9.68 21.87
C ASN A 56 22.79 8.74 20.77
N LEU A 57 21.98 8.63 19.73
CA LEU A 57 22.41 7.78 18.66
C LEU A 57 23.49 8.59 17.90
N PRO A 58 24.45 7.91 17.32
CA PRO A 58 25.48 8.61 16.55
C PRO A 58 24.78 9.28 15.32
N LYS A 59 25.34 10.38 14.83
CA LYS A 59 24.72 11.12 13.73
C LYS A 59 24.41 10.33 12.46
N ASP A 60 25.28 9.40 12.08
CA ASP A 60 25.06 8.64 10.87
C ASP A 60 23.84 7.75 11.01
N GLN A 61 23.71 7.17 12.18
CA GLN A 61 22.61 6.28 12.49
C GLN A 61 21.27 7.06 12.61
N LEU A 62 21.31 8.22 13.26
CA LEU A 62 20.14 9.07 13.40
C LEU A 62 19.69 9.48 11.99
N ALA A 63 20.65 9.73 11.08
CA ALA A 63 20.29 10.09 9.71
C ALA A 63 19.46 9.00 9.03
N ILE A 64 19.81 7.73 9.23
CA ILE A 64 19.07 6.64 8.58
C ILE A 64 17.68 6.56 9.20
N VAL A 65 17.60 6.68 10.52
CA VAL A 65 16.29 6.61 11.18
C VAL A 65 15.44 7.71 10.53
N SER A 66 16.01 8.86 10.38
CA SER A 66 15.26 9.97 9.83
C SER A 66 14.78 9.71 8.39
N GLN A 67 15.64 9.09 7.59
CA GLN A 67 15.29 8.75 6.19
C GLN A 67 14.14 7.71 6.17
N ILE A 68 14.18 6.74 7.08
CA ILE A 68 13.13 5.69 7.12
C ILE A 68 11.77 6.33 7.42
N VAL A 69 11.74 7.14 8.47
CA VAL A 69 10.52 7.80 8.93
C VAL A 69 9.99 8.77 7.89
N GLU A 70 10.87 9.46 7.20
CA GLU A 70 10.40 10.34 6.17
C GLU A 70 9.77 9.61 5.00
N LEU A 71 10.33 8.47 4.61
CA LEU A 71 9.76 7.72 3.50
C LEU A 71 8.38 7.24 3.97
N LEU A 72 8.30 6.74 5.20
CA LEU A 72 7.03 6.25 5.74
C LEU A 72 5.98 7.35 5.83
N HIS A 73 6.39 8.50 6.35
CA HIS A 73 5.47 9.64 6.50
C HIS A 73 4.99 10.10 5.16
N ASN A 74 5.90 10.32 4.22
CA ASN A 74 5.46 10.77 2.92
C ASN A 74 4.56 9.75 2.18
N SER A 75 4.90 8.47 2.22
CA SER A 75 4.09 7.51 1.51
C SER A 75 2.72 7.46 2.16
N SER A 76 2.68 7.56 3.48
CA SER A 76 1.36 7.57 4.19
C SER A 76 0.48 8.73 3.75
N LEU A 77 1.08 9.90 3.53
CA LEU A 77 0.32 11.09 3.13
C LEU A 77 -0.15 10.97 1.69
N LEU A 78 0.68 10.39 0.82
CA LEU A 78 0.27 10.22 -0.61
C LEU A 78 -0.97 9.35 -0.61
N ILE A 79 -0.90 8.30 0.18
CA ILE A 79 -2.06 7.39 0.18
C ILE A 79 -3.27 8.02 0.92
N ASP A 80 -3.03 8.67 2.07
CA ASP A 80 -4.14 9.34 2.78
C ASP A 80 -4.90 10.35 1.92
N ASP A 81 -4.17 11.07 1.04
CA ASP A 81 -4.83 12.04 0.22
C ASP A 81 -5.71 11.41 -0.84
N ILE A 82 -5.36 10.20 -1.26
CA ILE A 82 -6.18 9.51 -2.23
C ILE A 82 -7.44 9.10 -1.41
N GLU A 83 -7.20 8.50 -0.26
CA GLU A 83 -8.29 8.03 0.64
C GLU A 83 -9.26 9.13 1.04
N ASP A 84 -8.72 10.34 1.18
CA ASP A 84 -9.49 11.48 1.64
C ASP A 84 -9.95 12.42 0.55
N ASN A 85 -9.71 12.05 -0.70
CA ASN A 85 -10.14 12.83 -1.86
C ASN A 85 -9.64 14.30 -1.67
N ALA A 86 -8.41 14.44 -1.20
CA ALA A 86 -7.82 15.76 -0.87
C ALA A 86 -7.23 16.43 -2.11
N PRO A 87 -7.62 17.69 -2.36
CA PRO A 87 -7.08 18.38 -3.54
C PRO A 87 -5.74 19.07 -3.29
N LEU A 88 -5.43 19.31 -2.03
CA LEU A 88 -4.27 20.07 -1.61
C LEU A 88 -3.61 19.51 -0.39
N ARG A 89 -2.29 19.61 -0.32
CA ARG A 89 -1.57 19.18 0.87
C ARG A 89 -0.45 20.27 1.02
N ARG A 90 -0.44 21.01 2.13
CA ARG A 90 0.60 22.06 2.35
C ARG A 90 0.51 23.10 1.24
N GLY A 91 -0.70 23.52 0.90
CA GLY A 91 -0.80 24.51 -0.16
C GLY A 91 -0.50 24.05 -1.57
N GLN A 92 -0.18 22.78 -1.79
CA GLN A 92 0.06 22.37 -3.13
C GLN A 92 -0.87 21.27 -3.58
N THR A 93 -1.02 21.16 -4.88
CA THR A 93 -1.87 20.11 -5.50
C THR A 93 -1.35 18.74 -5.07
N THR A 94 -2.26 17.83 -4.77
CA THR A 94 -1.82 16.52 -4.34
C THR A 94 -1.37 15.69 -5.51
N SER A 95 -0.45 14.79 -5.25
CA SER A 95 0.09 13.98 -6.32
C SER A 95 -0.89 13.20 -7.16
N HIS A 96 -1.90 12.58 -6.53
CA HIS A 96 -2.82 11.78 -7.36
C HIS A 96 -3.58 12.56 -8.36
N LEU A 97 -3.73 13.87 -8.15
CA LEU A 97 -4.48 14.65 -9.13
C LEU A 97 -3.62 14.91 -10.33
N ILE A 98 -2.31 14.82 -10.12
CA ILE A 98 -1.42 15.10 -11.22
C ILE A 98 -1.03 13.86 -11.96
N PHE A 99 -0.55 12.87 -11.20
CA PHE A 99 -0.08 11.61 -11.77
C PHE A 99 -1.10 10.45 -11.82
N GLY A 100 -2.23 10.65 -11.19
CA GLY A 100 -3.25 9.61 -11.20
C GLY A 100 -3.19 8.78 -9.96
N VAL A 101 -4.35 8.25 -9.55
CA VAL A 101 -4.35 7.42 -8.41
C VAL A 101 -3.48 6.11 -8.61
N PRO A 102 -3.53 5.45 -9.79
CA PRO A 102 -2.75 4.20 -9.96
C PRO A 102 -1.26 4.34 -9.67
N SER A 103 -0.61 5.35 -10.28
CA SER A 103 0.84 5.57 -10.03
C SER A 103 1.09 6.01 -8.62
N THR A 104 0.20 6.84 -8.07
CA THR A 104 0.48 7.33 -6.74
C THR A 104 0.40 6.19 -5.73
N ILE A 105 -0.60 5.30 -5.88
CA ILE A 105 -0.70 4.23 -4.91
C ILE A 105 0.49 3.31 -5.07
N ASN A 106 0.84 3.00 -6.31
CA ASN A 106 1.93 2.03 -6.44
C ASN A 106 3.26 2.62 -5.92
N THR A 107 3.53 3.88 -6.28
CA THR A 107 4.78 4.50 -5.80
C THR A 107 4.86 4.60 -4.28
N ALA A 108 3.77 4.99 -3.61
CA ALA A 108 3.74 5.10 -2.15
C ALA A 108 4.02 3.72 -1.60
N ASN A 109 3.36 2.68 -2.11
CA ASN A 109 3.62 1.33 -1.56
C ASN A 109 5.04 0.95 -1.84
N TYR A 110 5.57 1.27 -3.03
CA TYR A 110 6.98 0.95 -3.31
C TYR A 110 7.88 1.62 -2.24
N MET A 111 7.58 2.86 -1.88
CA MET A 111 8.42 3.54 -0.92
C MET A 111 8.30 2.95 0.48
N TYR A 112 7.16 2.35 0.82
CA TYR A 112 7.07 1.69 2.12
C TYR A 112 8.15 0.55 2.11
N PHE A 113 8.24 -0.18 1.00
CA PHE A 113 9.22 -1.26 0.97
C PHE A 113 10.65 -0.79 0.87
N ARG A 114 10.85 0.38 0.28
CA ARG A 114 12.23 0.91 0.27
C ARG A 114 12.61 1.27 1.68
N ALA A 115 11.65 1.79 2.46
CA ALA A 115 11.95 2.14 3.85
C ALA A 115 12.33 0.90 4.64
N MET A 116 11.59 -0.18 4.41
CA MET A 116 11.83 -1.45 5.10
C MET A 116 13.28 -1.89 4.79
N GLN A 117 13.66 -1.72 3.54
CA GLN A 117 14.99 -2.09 3.11
C GLN A 117 16.07 -1.33 3.89
N LEU A 118 15.86 -0.05 4.15
CA LEU A 118 16.78 0.76 4.93
C LEU A 118 17.04 0.31 6.37
N VAL A 119 16.12 -0.45 6.97
CA VAL A 119 16.32 -0.88 8.33
C VAL A 119 17.61 -1.70 8.47
N SER A 120 17.94 -2.44 7.44
CA SER A 120 19.17 -3.27 7.45
C SER A 120 20.47 -2.44 7.60
N GLN A 121 20.42 -1.16 7.27
CA GLN A 121 21.60 -0.31 7.39
C GLN A 121 21.80 0.25 8.80
N LEU A 122 20.88 -0.04 9.72
CA LEU A 122 20.99 0.50 11.07
C LEU A 122 21.94 -0.31 11.99
N THR A 123 22.14 -1.58 11.68
CA THR A 123 22.92 -2.44 12.55
C THR A 123 23.44 -3.62 11.79
N THR A 124 24.48 -4.25 12.32
CA THR A 124 25.01 -5.46 11.68
C THR A 124 24.74 -6.63 12.60
N LYS A 125 24.10 -6.35 13.75
CA LYS A 125 23.75 -7.37 14.75
C LYS A 125 22.37 -7.95 14.47
N GLU A 126 22.31 -9.23 14.12
CA GLU A 126 21.05 -9.91 13.82
C GLU A 126 19.95 -9.78 14.91
N PRO A 127 20.26 -10.05 16.20
CA PRO A 127 19.21 -9.93 17.23
C PRO A 127 18.55 -8.53 17.33
N LEU A 128 19.36 -7.49 17.17
CA LEU A 128 18.85 -6.13 17.21
C LEU A 128 18.02 -5.88 15.93
N TYR A 129 18.54 -6.33 14.79
CA TYR A 129 17.83 -6.15 13.52
C TYR A 129 16.41 -6.67 13.58
N HIS A 130 16.27 -7.87 14.14
CA HIS A 130 14.95 -8.48 14.27
C HIS A 130 14.01 -7.58 15.09
N ASN A 131 14.56 -6.99 16.14
CA ASN A 131 13.76 -6.12 16.95
C ASN A 131 13.34 -4.88 16.20
N LEU A 132 14.25 -4.32 15.43
CA LEU A 132 14.00 -3.14 14.65
C LEU A 132 12.92 -3.45 13.63
N ILE A 133 13.03 -4.61 12.96
CA ILE A 133 11.98 -4.95 11.98
C ILE A 133 10.62 -5.16 12.66
N THR A 134 10.64 -5.73 13.84
CA THR A 134 9.41 -5.95 14.57
C THR A 134 8.71 -4.62 14.90
N ILE A 135 9.48 -3.65 15.34
CA ILE A 135 8.97 -2.34 15.69
C ILE A 135 8.32 -1.70 14.45
N PHE A 136 9.06 -1.73 13.36
CA PHE A 136 8.64 -1.19 12.06
C PHE A 136 7.31 -1.88 11.67
N ASN A 137 7.28 -3.22 11.76
CA ASN A 137 6.06 -3.97 11.35
C ASN A 137 4.85 -3.67 12.29
N GLU A 138 5.09 -3.66 13.59
CA GLU A 138 4.02 -3.44 14.52
C GLU A 138 3.38 -2.07 14.38
N GLU A 139 4.18 -1.02 14.18
CA GLU A 139 3.62 0.31 14.15
C GLU A 139 2.98 0.61 12.80
N LEU A 140 3.45 -0.06 11.73
CA LEU A 140 2.80 0.13 10.43
C LEU A 140 1.45 -0.61 10.51
N ILE A 141 1.39 -1.75 11.21
CA ILE A 141 0.10 -2.42 11.38
C ILE A 141 -0.82 -1.45 12.14
N ASN A 142 -0.33 -0.85 13.22
CA ASN A 142 -1.17 0.08 13.99
C ASN A 142 -1.67 1.22 13.13
N LEU A 143 -0.77 1.86 12.39
CA LEU A 143 -1.18 2.95 11.50
C LEU A 143 -2.33 2.54 10.60
N HIS A 144 -2.23 1.36 9.98
CA HIS A 144 -3.29 0.94 9.03
C HIS A 144 -4.56 0.60 9.79
N ARG A 145 -4.42 0.09 11.03
CA ARG A 145 -5.68 -0.17 11.75
C ARG A 145 -6.43 1.11 12.06
N GLY A 146 -5.70 2.13 12.48
CA GLY A 146 -6.35 3.39 12.80
C GLY A 146 -6.96 4.04 11.57
N GLN A 147 -6.17 4.08 10.49
CA GLN A 147 -6.63 4.61 9.25
C GLN A 147 -7.89 3.85 8.79
N GLY A 148 -7.91 2.53 9.01
CA GLY A 148 -9.05 1.73 8.58
C GLY A 148 -10.34 2.18 9.27
N LEU A 149 -10.28 2.44 10.56
CA LEU A 149 -11.49 2.89 11.28
C LEU A 149 -11.90 4.27 10.84
N ASP A 150 -10.92 5.16 10.70
CA ASP A 150 -11.21 6.54 10.30
C ASP A 150 -11.97 6.52 8.97
N ILE A 151 -11.48 5.72 8.03
CA ILE A 151 -12.11 5.63 6.70
C ILE A 151 -13.50 4.97 6.78
N TYR A 152 -13.57 3.89 7.52
CA TYR A 152 -14.83 3.14 7.57
C TYR A 152 -15.93 3.99 8.21
N TRP A 153 -15.63 4.57 9.35
CA TRP A 153 -16.65 5.42 9.98
C TRP A 153 -17.14 6.48 9.03
N ARG A 154 -16.20 7.11 8.31
CA ARG A 154 -16.61 8.15 7.38
C ARG A 154 -17.39 7.63 6.18
N ASP A 155 -16.94 6.52 5.59
CA ASP A 155 -17.55 6.14 4.33
C ASP A 155 -18.84 5.35 4.53
N PHE A 156 -19.02 4.80 5.72
CA PHE A 156 -20.28 4.05 6.02
C PHE A 156 -21.22 4.78 6.96
N LEU A 157 -20.96 6.06 7.18
CA LEU A 157 -21.77 6.86 8.11
C LEU A 157 -23.21 6.87 7.58
N PRO A 158 -24.21 6.80 8.50
CA PRO A 158 -24.24 6.72 9.95
C PRO A 158 -24.23 5.35 10.56
N GLU A 159 -23.70 4.34 9.88
CA GLU A 159 -23.65 3.01 10.46
C GLU A 159 -23.07 3.02 11.87
N ILE A 160 -21.95 3.74 12.08
CA ILE A 160 -21.33 3.78 13.35
C ILE A 160 -21.05 5.22 13.72
N ILE A 161 -21.57 5.66 14.86
CA ILE A 161 -21.28 7.02 15.31
C ILE A 161 -20.23 6.77 16.41
N PRO A 162 -18.95 7.11 16.16
CA PRO A 162 -17.97 6.85 17.22
C PRO A 162 -18.13 7.76 18.43
N THR A 163 -17.77 7.24 19.60
CA THR A 163 -17.73 8.01 20.82
C THR A 163 -16.36 8.64 20.92
N GLN A 164 -16.20 9.53 21.89
CA GLN A 164 -14.90 10.13 22.11
C GLN A 164 -13.86 9.03 22.39
N GLU A 165 -14.26 8.04 23.18
CA GLU A 165 -13.36 6.95 23.54
C GLU A 165 -12.87 6.21 22.29
N MET A 166 -13.80 5.91 21.37
CA MET A 166 -13.46 5.21 20.14
C MET A 166 -12.53 6.07 19.30
N TYR A 167 -12.84 7.35 19.18
CA TYR A 167 -12.01 8.29 18.39
C TYR A 167 -10.58 8.27 18.95
N LEU A 168 -10.43 8.35 20.26
CA LEU A 168 -9.06 8.43 20.82
C LEU A 168 -8.28 7.10 20.57
N ASN A 169 -8.99 5.97 20.62
CA ASN A 169 -8.33 4.69 20.30
C ASN A 169 -7.94 4.65 18.82
N MET A 170 -8.82 5.18 17.92
CA MET A 170 -8.46 5.21 16.49
C MET A 170 -7.17 6.08 16.33
N VAL A 171 -7.07 7.19 17.05
CA VAL A 171 -5.92 8.11 16.96
C VAL A 171 -4.63 7.46 17.51
N MET A 172 -4.77 6.74 18.64
CA MET A 172 -3.63 6.04 19.24
C MET A 172 -3.03 5.10 18.15
N ASN A 173 -3.88 4.50 17.35
CA ASN A 173 -3.40 3.64 16.25
C ASN A 173 -2.88 4.45 15.07
N LYS A 174 -3.74 5.29 14.54
CA LYS A 174 -3.44 6.07 13.32
C LYS A 174 -2.26 7.01 13.40
N THR A 175 -2.39 7.96 14.32
CA THR A 175 -1.42 9.02 14.48
C THR A 175 -0.30 8.53 15.34
N GLY A 176 -0.66 7.75 16.37
CA GLY A 176 0.37 7.27 17.30
C GLY A 176 1.37 6.34 16.64
N GLY A 177 0.95 5.68 15.56
CA GLY A 177 1.81 4.74 14.90
C GLY A 177 3.21 5.27 14.52
N LEU A 178 3.29 6.37 13.78
CA LEU A 178 4.63 6.80 13.35
C LEU A 178 5.43 7.49 14.44
N PHE A 179 4.72 8.13 15.36
CA PHE A 179 5.40 8.73 16.50
C PHE A 179 6.09 7.64 17.31
N ARG A 180 5.35 6.56 17.63
CA ARG A 180 5.96 5.43 18.39
C ARG A 180 7.01 4.71 17.54
N LEU A 181 6.78 4.53 16.24
CA LEU A 181 7.80 3.86 15.43
C LEU A 181 9.14 4.59 15.52
N THR A 182 9.12 5.89 15.38
CA THR A 182 10.37 6.68 15.42
C THR A 182 11.04 6.53 16.77
N LEU A 183 10.27 6.79 17.82
CA LEU A 183 10.77 6.69 19.21
C LEU A 183 11.22 5.27 19.56
N ARG A 184 10.48 4.25 19.17
CA ARG A 184 10.90 2.92 19.55
C ARG A 184 12.20 2.48 18.85
N LEU A 185 12.37 2.89 17.60
CA LEU A 185 13.62 2.57 16.89
C LEU A 185 14.74 3.27 17.63
N MET A 186 14.52 4.50 18.05
CA MET A 186 15.58 5.23 18.74
C MET A 186 15.91 4.61 20.10
N GLU A 187 14.88 4.22 20.87
CA GLU A 187 15.10 3.63 22.19
C GLU A 187 15.80 2.28 22.03
N ALA A 188 15.49 1.54 20.96
CA ALA A 188 16.14 0.25 20.73
C ALA A 188 17.63 0.39 20.33
N LEU A 189 17.96 1.44 19.62
CA LEU A 189 19.34 1.68 19.17
C LEU A 189 20.18 2.47 20.17
N SER A 190 19.55 3.07 21.17
CA SER A 190 20.28 3.88 22.12
C SER A 190 21.46 3.17 22.78
N PRO A 191 22.62 3.82 22.77
CA PRO A 191 23.76 3.17 23.40
C PRO A 191 23.82 3.65 24.86
N SER A 192 22.86 4.50 25.25
CA SER A 192 22.79 5.05 26.61
C SER A 192 22.15 4.10 27.60
N HIS A 195 18.85 6.21 30.46
CA HIS A 195 18.21 7.48 30.01
C HIS A 195 16.76 7.69 30.53
N GLY A 196 16.44 7.12 31.68
CA GLY A 196 15.12 7.28 32.28
C GLY A 196 13.98 6.39 31.77
N HIS A 197 12.77 6.63 32.29
CA HIS A 197 11.59 5.88 31.87
C HIS A 197 11.43 6.06 30.35
N SER A 198 10.73 5.11 29.72
CA SER A 198 10.45 5.18 28.26
C SER A 198 9.68 6.48 27.99
N LEU A 199 9.84 7.02 26.79
CA LEU A 199 9.12 8.23 26.40
C LEU A 199 7.86 7.86 25.56
N VAL A 200 7.51 6.58 25.51
CA VAL A 200 6.34 6.18 24.71
C VAL A 200 5.07 6.90 25.17
N PRO A 201 4.84 6.99 26.51
CA PRO A 201 3.60 7.68 26.92
C PRO A 201 3.58 9.13 26.47
N PHE A 202 4.71 9.83 26.62
CA PHE A 202 4.82 11.21 26.16
C PHE A 202 4.59 11.28 24.63
N ILE A 203 5.18 10.35 23.88
CA ILE A 203 5.01 10.39 22.42
C ILE A 203 3.56 10.10 22.01
N ASN A 204 2.87 9.26 22.78
CA ASN A 204 1.43 8.96 22.51
C ASN A 204 0.61 10.24 22.72
N LEU A 205 0.97 11.01 23.78
CA LEU A 205 0.25 12.25 24.10
C LEU A 205 0.53 13.29 23.02
N LEU A 206 1.77 13.31 22.51
CA LEU A 206 2.08 14.25 21.47
C LEU A 206 1.21 13.88 20.26
N GLY A 207 1.10 12.57 19.96
CA GLY A 207 0.28 12.17 18.79
C GLY A 207 -1.19 12.62 18.91
N ILE A 208 -1.75 12.46 20.08
CA ILE A 208 -3.18 12.84 20.33
C ILE A 208 -3.31 14.35 20.23
N ILE A 209 -2.43 15.08 20.90
CA ILE A 209 -2.51 16.53 20.76
C ILE A 209 -2.38 16.93 19.29
N TYR A 210 -1.39 16.36 18.57
CA TYR A 210 -1.22 16.71 17.18
C TYR A 210 -2.52 16.49 16.37
N GLN A 211 -3.14 15.33 16.57
CA GLN A 211 -4.31 15.01 15.74
C GLN A 211 -5.49 15.89 16.07
N ILE A 212 -5.74 16.09 17.36
CA ILE A 212 -6.94 16.90 17.71
C ILE A 212 -6.69 18.34 17.27
N ARG A 213 -5.44 18.79 17.34
CA ARG A 213 -5.18 20.13 16.85
C ARG A 213 -5.36 20.20 15.34
N ASP A 214 -4.95 19.16 14.62
CA ASP A 214 -5.10 19.13 13.14
C ASP A 214 -6.63 19.30 12.85
N ASP A 215 -7.44 18.49 13.53
CA ASP A 215 -8.90 18.54 13.33
C ASP A 215 -9.47 19.90 13.69
N TYR A 216 -9.07 20.43 14.82
CA TYR A 216 -9.60 21.73 15.30
C TYR A 216 -9.26 22.86 14.35
N LEU A 217 -7.97 22.98 14.04
CA LEU A 217 -7.54 24.05 13.17
C LEU A 217 -8.14 23.99 11.77
N ASN A 218 -8.42 22.78 11.25
CA ASN A 218 -9.02 22.68 9.94
C ASN A 218 -10.35 23.46 9.96
N LEU A 219 -11.05 23.50 11.09
CA LEU A 219 -12.33 24.26 11.15
C LEU A 219 -12.15 25.71 11.63
N LYS A 220 -11.23 25.91 12.57
CA LYS A 220 -11.05 27.25 13.15
C LYS A 220 -10.35 28.20 12.22
N ASP A 221 -9.46 27.73 11.35
CA ASP A 221 -8.85 28.70 10.40
C ASP A 221 -9.87 29.14 9.35
N PHE A 222 -10.93 28.33 9.17
CA PHE A 222 -11.98 28.65 8.21
C PHE A 222 -12.90 29.64 8.87
N GLN A 223 -13.35 29.30 10.07
CA GLN A 223 -14.25 30.17 10.78
C GLN A 223 -13.73 31.60 10.91
N PHE A 230 -10.09 26.22 4.54
CA PHE A 230 -11.21 25.90 3.56
C PHE A 230 -12.06 24.80 4.19
N ALA A 231 -11.74 24.45 5.43
CA ALA A 231 -12.52 23.41 6.20
C ALA A 231 -12.75 22.17 5.35
N GLU A 232 -11.66 21.70 4.73
CA GLU A 232 -11.78 20.57 3.81
C GLU A 232 -12.23 19.33 4.53
N ASP A 233 -12.00 19.27 5.86
CA ASP A 233 -12.45 18.06 6.56
C ASP A 233 -13.96 17.90 6.46
N ILE A 234 -14.66 18.99 6.25
CA ILE A 234 -16.16 18.85 6.14
C ILE A 234 -16.50 18.25 4.79
N THR A 235 -15.80 18.67 3.75
CA THR A 235 -15.99 18.14 2.39
C THR A 235 -15.65 16.66 2.39
N GLU A 236 -14.64 16.28 3.22
CA GLU A 236 -14.23 14.90 3.29
C GLU A 236 -15.31 14.06 4.02
N GLY A 237 -16.02 14.67 4.96
CA GLY A 237 -17.03 13.95 5.76
C GLY A 237 -16.40 13.28 6.98
N LYS A 238 -15.17 13.68 7.32
CA LYS A 238 -14.39 13.13 8.39
C LYS A 238 -15.03 13.18 9.81
N LEU A 239 -14.89 12.08 10.56
CA LEU A 239 -15.38 12.08 11.99
C LEU A 239 -14.25 12.66 12.84
N SER A 240 -14.09 13.98 12.74
CA SER A 240 -13.01 14.74 13.42
C SER A 240 -13.32 14.85 14.91
N PHE A 241 -12.35 15.30 15.70
CA PHE A 241 -12.68 15.38 17.14
C PHE A 241 -13.93 16.29 17.40
N PRO A 242 -13.98 17.48 16.79
CA PRO A 242 -15.18 18.32 17.06
C PRO A 242 -16.47 17.71 16.54
N ILE A 243 -16.41 17.04 15.40
CA ILE A 243 -17.61 16.41 14.86
C ILE A 243 -18.08 15.26 15.78
N VAL A 244 -17.14 14.47 16.30
CA VAL A 244 -17.51 13.38 17.23
C VAL A 244 -18.16 13.98 18.47
N HIS A 245 -17.58 15.04 19.04
CA HIS A 245 -18.23 15.66 20.20
C HIS A 245 -19.66 16.11 19.82
N ALA A 246 -19.82 16.81 18.68
CA ALA A 246 -21.15 17.33 18.30
C ALA A 246 -22.18 16.21 18.14
N LEU A 247 -21.75 15.13 17.49
CA LEU A 247 -22.70 14.05 17.24
C LEU A 247 -23.14 13.35 18.54
N ASN A 248 -22.20 13.17 19.45
CA ASN A 248 -22.57 12.57 20.74
C ASN A 248 -23.33 13.56 21.61
N PHE A 249 -22.93 14.83 21.60
CA PHE A 249 -23.68 15.87 22.38
C PHE A 249 -25.15 15.95 21.91
N THR A 250 -25.36 16.01 20.59
CA THR A 250 -26.73 16.12 20.10
C THR A 250 -27.60 14.92 20.46
N LYS A 251 -27.03 13.73 20.38
CA LYS A 251 -27.78 12.51 20.71
C LYS A 251 -28.16 12.54 22.20
N THR A 252 -27.18 12.83 23.05
CA THR A 252 -27.37 12.90 24.52
C THR A 252 -28.37 13.95 24.93
N LYS A 253 -28.35 15.08 24.25
CA LYS A 253 -29.25 16.15 24.56
C LYS A 253 -30.59 16.10 23.84
N GLY A 254 -30.85 15.10 23.01
CA GLY A 254 -32.14 15.05 22.37
C GLY A 254 -32.31 16.03 21.21
N GLN A 255 -31.20 16.55 20.70
CA GLN A 255 -31.23 17.49 19.56
C GLN A 255 -31.28 16.67 18.30
N THR A 256 -32.39 15.99 18.11
CA THR A 256 -32.58 15.17 16.94
C THR A 256 -32.33 15.82 15.56
N GLU A 257 -32.89 17.01 15.38
CA GLU A 257 -32.78 17.67 14.08
C GLU A 257 -31.33 18.06 13.83
N GLN A 258 -30.68 18.55 14.87
CA GLN A 258 -29.25 19.03 14.68
C GLN A 258 -28.35 17.83 14.43
N HIS A 259 -28.58 16.74 15.17
CA HIS A 259 -27.81 15.52 14.95
C HIS A 259 -27.98 15.08 13.47
N ASN A 260 -29.23 15.01 13.01
CA ASN A 260 -29.44 14.64 11.61
C ASN A 260 -28.87 15.64 10.57
N GLU A 261 -28.85 16.92 10.93
CA GLU A 261 -28.37 17.92 9.98
C GLU A 261 -26.82 17.79 9.87
N ILE A 262 -26.16 17.52 11.00
CA ILE A 262 -24.70 17.31 11.00
C ILE A 262 -24.41 16.15 10.08
N LEU A 263 -25.12 15.03 10.26
CA LEU A 263 -24.91 13.89 9.36
C LEU A 263 -25.19 14.22 7.91
N ARG A 264 -26.28 14.95 7.63
CA ARG A 264 -26.63 15.26 6.24
C ARG A 264 -25.50 16.06 5.53
N ILE A 265 -24.99 17.03 6.27
CA ILE A 265 -23.95 17.92 5.71
C ILE A 265 -22.72 17.14 5.44
N LEU A 266 -22.33 16.31 6.39
CA LEU A 266 -21.13 15.44 6.17
C LEU A 266 -21.32 14.54 4.96
N LEU A 267 -22.53 14.00 4.82
CA LEU A 267 -22.78 13.15 3.67
C LEU A 267 -22.89 13.85 2.30
N LEU A 268 -23.07 15.17 2.29
CA LEU A 268 -23.12 15.88 1.00
C LEU A 268 -21.73 15.88 0.34
N ARG A 269 -20.67 15.77 1.13
CA ARG A 269 -19.29 15.91 0.56
C ARG A 269 -19.24 17.22 -0.22
N THR A 270 -19.70 18.26 0.44
CA THR A 270 -19.85 19.56 -0.19
C THR A 270 -18.66 20.51 -0.15
N SER A 271 -18.53 21.28 -1.22
CA SER A 271 -17.50 22.33 -1.31
C SER A 271 -18.13 23.69 -1.10
N ASP A 272 -19.44 23.72 -0.82
CA ASP A 272 -20.10 25.03 -0.64
C ASP A 272 -19.66 25.73 0.66
N LYS A 273 -19.05 26.90 0.55
CA LYS A 273 -18.52 27.52 1.75
C LYS A 273 -19.55 27.92 2.77
N ASP A 274 -20.75 28.27 2.32
CA ASP A 274 -21.75 28.68 3.27
C ASP A 274 -22.35 27.45 4.02
N ILE A 275 -22.44 26.31 3.34
CA ILE A 275 -22.95 25.10 4.04
C ILE A 275 -21.90 24.71 5.07
N LYS A 276 -20.62 24.77 4.66
CA LYS A 276 -19.57 24.48 5.67
C LYS A 276 -19.62 25.42 6.87
N LEU A 277 -19.77 26.72 6.65
CA LEU A 277 -19.84 27.69 7.70
C LEU A 277 -21.08 27.45 8.56
N LYS A 278 -22.20 27.03 7.95
CA LYS A 278 -23.36 26.75 8.80
C LYS A 278 -22.98 25.63 9.81
N LEU A 279 -22.35 24.55 9.32
CA LEU A 279 -21.93 23.46 10.21
C LEU A 279 -20.96 23.92 11.29
N ILE A 280 -19.94 24.69 10.89
CA ILE A 280 -19.02 25.21 11.89
C ILE A 280 -19.73 26.05 12.95
N GLN A 281 -20.71 26.84 12.52
CA GLN A 281 -21.39 27.68 13.52
C GLN A 281 -22.34 26.83 14.38
N ILE A 282 -22.83 25.71 13.86
CA ILE A 282 -23.61 24.80 14.71
C ILE A 282 -22.60 24.30 15.78
N LEU A 283 -21.36 24.00 15.37
CA LEU A 283 -20.39 23.52 16.38
C LEU A 283 -20.01 24.65 17.34
N GLU A 284 -19.98 25.88 16.86
CA GLU A 284 -19.59 27.00 17.74
C GLU A 284 -20.66 27.33 18.77
N PHE A 285 -21.91 27.48 18.32
CA PHE A 285 -23.01 27.95 19.18
C PHE A 285 -24.01 26.94 19.72
N ASP A 286 -24.29 25.91 18.95
CA ASP A 286 -25.31 24.94 19.39
C ASP A 286 -24.74 23.79 20.23
N THR A 287 -23.60 23.20 19.83
CA THR A 287 -23.07 22.08 20.62
C THR A 287 -21.82 22.55 21.42
N ASN A 288 -21.32 23.73 21.08
CA ASN A 288 -20.12 24.27 21.72
C ASN A 288 -18.97 23.29 21.63
N SER A 289 -18.92 22.60 20.51
CA SER A 289 -17.84 21.62 20.23
C SER A 289 -16.50 22.33 20.00
N LEU A 290 -16.50 23.54 19.44
CA LEU A 290 -15.18 24.18 19.23
C LEU A 290 -14.53 24.57 20.55
N ALA A 291 -15.33 25.10 21.46
CA ALA A 291 -14.83 25.51 22.79
C ALA A 291 -14.39 24.24 23.54
N TYR A 292 -15.21 23.21 23.43
CA TYR A 292 -14.87 21.94 24.10
C TYR A 292 -13.51 21.42 23.62
N THR A 293 -13.30 21.46 22.31
CA THR A 293 -12.06 20.94 21.70
C THR A 293 -10.88 21.82 22.07
N LYS A 294 -11.07 23.11 22.05
CA LYS A 294 -9.96 24.01 22.43
C LYS A 294 -9.56 23.69 23.88
N ASN A 295 -10.56 23.59 24.76
CA ASN A 295 -10.28 23.29 26.17
C ASN A 295 -9.60 21.91 26.34
N PHE A 296 -10.06 20.92 25.57
CA PHE A 296 -9.49 19.57 25.64
C PHE A 296 -8.01 19.65 25.23
N ILE A 297 -7.70 20.36 24.15
CA ILE A 297 -6.34 20.51 23.71
C ILE A 297 -5.49 21.13 24.81
N ASN A 298 -6.02 22.22 25.38
CA ASN A 298 -5.32 22.92 26.45
C ASN A 298 -5.06 22.01 27.64
N GLN A 299 -6.04 21.20 28.01
CA GLN A 299 -5.84 20.31 29.13
C GLN A 299 -4.71 19.29 28.82
N LEU A 300 -4.72 18.69 27.64
CA LEU A 300 -3.64 17.76 27.25
C LEU A 300 -2.27 18.45 27.31
N VAL A 301 -2.16 19.63 26.73
CA VAL A 301 -0.93 20.37 26.72
C VAL A 301 -0.50 20.67 28.19
N ASN A 302 -1.47 21.03 29.04
CA ASN A 302 -1.12 21.31 30.46
C ASN A 302 -0.65 20.06 31.21
N MET A 303 -1.06 18.86 30.76
CA MET A 303 -0.57 17.63 31.40
C MET A 303 0.96 17.56 31.28
N ILE A 304 1.50 18.19 30.25
CA ILE A 304 2.93 18.25 30.03
C ILE A 304 3.55 19.51 30.63
N LYS A 305 2.91 20.65 30.43
CA LYS A 305 3.43 21.90 30.98
C LYS A 305 3.48 21.90 32.52
N ASN A 306 2.65 21.08 33.16
CA ASN A 306 2.60 20.97 34.63
C ASN A 306 3.23 19.66 35.12
N ASP A 307 4.06 19.08 34.28
CA ASP A 307 4.72 17.82 34.61
C ASP A 307 6.09 18.16 35.23
N ASN A 308 6.06 18.83 36.38
CA ASN A 308 7.29 19.23 37.08
C ASN A 308 8.17 18.06 37.52
N GLU A 309 7.54 16.94 37.85
CA GLU A 309 8.25 15.72 38.28
C GLU A 309 8.88 15.02 37.07
N ASN A 310 8.63 15.54 35.88
CA ASN A 310 9.13 14.89 34.69
C ASN A 310 8.69 13.42 34.65
N LYS A 311 7.39 13.21 34.83
CA LYS A 311 6.78 11.90 34.77
C LYS A 311 6.47 11.51 33.30
N TYR A 312 6.25 12.52 32.45
CA TYR A 312 5.97 12.29 31.03
C TYR A 312 7.21 12.74 30.27
N LEU A 313 7.66 13.97 30.54
CA LEU A 313 8.87 14.49 29.92
C LEU A 313 10.04 13.62 30.44
N PRO A 314 11.17 13.63 29.72
CA PRO A 314 12.34 12.83 30.14
C PRO A 314 12.92 13.19 31.51
N GLU A 329 12.29 23.78 24.75
CA GLU A 329 12.61 23.12 23.45
C GLU A 329 11.47 22.16 23.04
N LEU A 330 11.12 21.27 23.96
CA LEU A 330 10.03 20.32 23.73
C LEU A 330 8.73 21.11 23.75
N LEU A 331 8.68 22.07 24.67
CA LEU A 331 7.50 22.90 24.80
C LEU A 331 7.31 23.74 23.56
N TYR A 332 8.42 24.15 22.93
CA TYR A 332 8.35 24.94 21.72
C TYR A 332 7.73 24.09 20.61
N ILE A 333 8.22 22.86 20.48
CA ILE A 333 7.71 21.92 19.48
C ILE A 333 6.21 21.70 19.76
N ILE A 334 5.86 21.57 21.04
CA ILE A 334 4.46 21.34 21.40
C ILE A 334 3.54 22.46 20.89
N ASP A 335 4.01 23.70 20.92
CA ASP A 335 3.17 24.81 20.43
C ASP A 335 3.21 25.00 18.92
N HIS A 336 4.15 24.33 18.24
CA HIS A 336 4.27 24.41 16.80
C HIS A 336 4.08 23.00 16.29
N LEU A 337 3.37 22.20 17.06
CA LEU A 337 3.15 20.81 16.66
C LEU A 337 2.45 20.67 15.29
N SER A 338 1.59 21.63 14.98
CA SER A 338 0.85 21.63 13.72
C SER A 338 1.77 21.60 12.49
N GLU A 339 2.98 22.15 12.61
CA GLU A 339 3.90 22.20 11.48
C GLU A 339 4.65 20.89 11.27
N ASN B 4 -8.92 16.09 36.54
CA ASN B 4 -9.01 14.88 37.41
C ASN B 4 -9.38 13.65 36.59
N LYS B 5 -10.67 13.44 36.33
CA LYS B 5 -11.12 12.26 35.56
C LYS B 5 -10.61 12.23 34.11
N MET B 6 -10.58 13.39 33.45
CA MET B 6 -10.09 13.45 32.08
C MET B 6 -8.60 13.13 32.02
N GLU B 7 -7.81 13.74 32.89
CA GLU B 7 -6.36 13.50 32.90
C GLU B 7 -6.08 12.06 33.24
N ALA B 8 -6.93 11.51 34.10
CA ALA B 8 -6.77 10.11 34.52
C ALA B 8 -7.08 9.16 33.36
N LYS B 9 -8.13 9.43 32.61
CA LYS B 9 -8.47 8.60 31.45
C LYS B 9 -7.36 8.81 30.40
N ILE B 10 -6.83 10.02 30.25
CA ILE B 10 -5.75 10.20 29.25
C ILE B 10 -4.52 9.41 29.70
N ASP B 11 -4.16 9.53 30.96
CA ASP B 11 -2.98 8.81 31.46
C ASP B 11 -3.09 7.29 31.24
N GLU B 12 -4.26 6.73 31.49
CA GLU B 12 -4.43 5.31 31.28
C GLU B 12 -4.27 4.96 29.80
N LEU B 13 -4.78 5.85 28.95
CA LEU B 13 -4.73 5.61 27.50
C LEU B 13 -3.28 5.61 26.97
N ILE B 14 -2.53 6.62 27.31
CA ILE B 14 -1.16 6.75 26.80
C ILE B 14 -0.16 5.76 27.38
N ASN B 15 -0.52 5.14 28.51
CA ASN B 15 0.31 4.14 29.16
C ASN B 15 0.00 2.73 28.74
N ASN B 16 -0.96 2.54 27.86
CA ASN B 16 -1.28 1.20 27.39
C ASN B 16 -1.05 1.11 25.90
N ASP B 17 -0.99 -0.12 25.40
CA ASP B 17 -0.83 -0.33 23.98
C ASP B 17 -2.12 0.18 23.31
N PRO B 18 -2.07 0.51 22.02
CA PRO B 18 -3.31 0.98 21.34
C PRO B 18 -4.36 -0.08 21.43
N VAL B 19 -5.60 0.37 21.61
CA VAL B 19 -6.69 -0.61 21.74
C VAL B 19 -7.17 -1.04 20.34
N TRP B 20 -7.39 -2.35 20.13
CA TRP B 20 -7.88 -2.88 18.88
C TRP B 20 -8.71 -4.12 19.23
N SER B 21 -9.95 -4.19 18.77
CA SER B 21 -10.86 -5.29 19.08
C SER B 21 -11.08 -6.28 17.95
N SER B 22 -11.70 -7.44 18.26
CA SER B 22 -11.97 -8.39 17.21
C SER B 22 -13.02 -7.76 16.30
N GLN B 23 -13.90 -6.94 16.86
CA GLN B 23 -14.89 -6.32 16.00
C GLN B 23 -14.19 -5.32 15.02
N ASN B 24 -13.19 -4.59 15.52
CA ASN B 24 -12.45 -3.63 14.68
C ASN B 24 -11.74 -4.44 13.58
N GLU B 25 -11.12 -5.56 13.94
CA GLU B 25 -10.48 -6.45 12.97
C GLU B 25 -11.49 -6.91 11.90
N SER B 26 -12.71 -7.27 12.29
CA SER B 26 -13.66 -7.68 11.31
C SER B 26 -14.04 -6.56 10.40
N LEU B 27 -14.12 -5.36 10.93
CA LEU B 27 -14.48 -4.25 10.06
C LEU B 27 -13.40 -4.01 8.96
N ILE B 28 -12.14 -3.91 9.36
CA ILE B 28 -11.06 -3.68 8.36
C ILE B 28 -10.83 -4.83 7.41
N SER B 29 -11.33 -6.02 7.76
CA SER B 29 -11.11 -7.16 6.94
C SER B 29 -12.16 -7.34 5.86
N LYS B 30 -13.20 -6.54 5.87
CA LYS B 30 -14.25 -6.76 4.86
C LYS B 30 -13.85 -6.79 3.39
N PRO B 31 -13.00 -5.84 2.94
CA PRO B 31 -12.63 -5.88 1.51
C PRO B 31 -11.80 -7.10 1.15
N TYR B 32 -11.04 -7.58 2.10
CA TYR B 32 -10.19 -8.74 1.89
C TYR B 32 -11.02 -10.04 1.87
N ASN B 33 -11.90 -10.15 2.83
CA ASN B 33 -12.77 -11.34 2.90
C ASN B 33 -13.56 -11.45 1.62
N HIS B 34 -13.96 -10.33 1.05
CA HIS B 34 -14.67 -10.35 -0.20
C HIS B 34 -13.86 -11.02 -1.35
N ILE B 35 -12.56 -10.76 -1.46
CA ILE B 35 -11.81 -11.37 -2.55
C ILE B 35 -11.52 -12.84 -2.24
N LEU B 36 -11.52 -13.21 -0.97
CA LEU B 36 -11.28 -14.63 -0.63
C LEU B 36 -12.32 -15.55 -1.24
N LEU B 37 -13.46 -14.96 -1.64
CA LEU B 37 -14.56 -15.70 -2.27
C LEU B 37 -14.18 -16.16 -3.68
N LYS B 38 -13.22 -15.44 -4.27
CA LYS B 38 -12.70 -15.76 -5.60
C LYS B 38 -11.99 -17.14 -5.65
N PRO B 39 -12.26 -17.93 -6.71
CA PRO B 39 -11.61 -19.24 -6.82
C PRO B 39 -10.15 -19.09 -7.23
N GLY B 40 -9.41 -20.19 -7.14
CA GLY B 40 -8.00 -20.17 -7.49
C GLY B 40 -7.10 -20.61 -6.34
N LYS B 41 -7.63 -20.58 -5.12
CA LYS B 41 -6.82 -20.96 -3.97
C LYS B 41 -6.38 -22.41 -4.10
N ASN B 42 -7.30 -23.26 -4.54
CA ASN B 42 -6.99 -24.68 -4.72
C ASN B 42 -5.74 -24.80 -5.60
N PHE B 43 -5.68 -24.01 -6.66
CA PHE B 43 -4.56 -24.10 -7.56
C PHE B 43 -3.21 -23.61 -7.07
N ARG B 44 -3.15 -22.48 -6.35
CA ARG B 44 -1.83 -22.02 -5.87
C ARG B 44 -1.36 -22.99 -4.79
N LEU B 45 -2.31 -23.47 -4.01
CA LEU B 45 -2.05 -24.43 -2.96
C LEU B 45 -1.38 -25.63 -3.62
N ASN B 46 -1.95 -26.10 -4.71
CA ASN B 46 -1.39 -27.23 -5.43
C ASN B 46 0.06 -26.96 -5.90
N LEU B 47 0.33 -25.78 -6.43
CA LEU B 47 1.70 -25.55 -6.87
C LEU B 47 2.71 -25.56 -5.72
N ILE B 48 2.36 -25.02 -4.56
CA ILE B 48 3.26 -25.02 -3.41
C ILE B 48 3.46 -26.50 -2.95
N VAL B 49 2.37 -27.24 -2.90
CA VAL B 49 2.43 -28.66 -2.50
C VAL B 49 3.38 -29.43 -3.42
N GLN B 50 3.19 -29.32 -4.73
CA GLN B 50 4.05 -30.02 -5.67
C GLN B 50 5.52 -29.61 -5.53
N ILE B 51 5.80 -28.31 -5.37
CA ILE B 51 7.18 -27.87 -5.22
C ILE B 51 7.71 -28.41 -3.91
N ASN B 52 6.84 -28.59 -2.93
CA ASN B 52 7.34 -29.10 -1.66
C ASN B 52 7.85 -30.56 -1.82
N ARG B 53 7.46 -31.27 -2.89
CA ARG B 53 7.97 -32.64 -3.10
C ARG B 53 9.50 -32.54 -3.25
N VAL B 54 10.03 -31.37 -3.59
CA VAL B 54 11.46 -31.23 -3.69
C VAL B 54 12.04 -30.59 -2.45
N MET B 55 11.33 -29.58 -1.92
CA MET B 55 11.80 -28.84 -0.74
C MET B 55 11.60 -29.50 0.62
N ASN B 56 10.51 -30.23 0.80
CA ASN B 56 10.28 -30.95 2.05
C ASN B 56 10.08 -30.18 3.34
N LEU B 57 9.43 -29.03 3.26
CA LEU B 57 9.18 -28.30 4.48
C LEU B 57 8.15 -29.07 5.24
N PRO B 58 8.20 -29.02 6.57
CA PRO B 58 7.24 -29.70 7.41
C PRO B 58 5.86 -29.06 7.19
N LYS B 59 4.80 -29.84 7.34
CA LYS B 59 3.47 -29.33 7.07
C LYS B 59 3.07 -27.98 7.63
N ASP B 60 3.37 -27.75 8.88
CA ASP B 60 2.94 -26.48 9.38
C ASP B 60 3.83 -25.32 9.00
N GLN B 61 5.08 -25.58 8.65
CA GLN B 61 5.87 -24.48 8.16
C GLN B 61 5.34 -24.15 6.74
N LEU B 62 4.96 -25.18 5.98
CA LEU B 62 4.43 -25.01 4.64
C LEU B 62 3.13 -24.26 4.73
N ALA B 63 2.39 -24.49 5.81
CA ALA B 63 1.10 -23.81 5.95
C ALA B 63 1.27 -22.27 6.02
N ILE B 64 2.26 -21.85 6.79
CA ILE B 64 2.55 -20.42 6.98
C ILE B 64 3.06 -19.79 5.65
N VAL B 65 3.90 -20.49 4.91
CA VAL B 65 4.36 -19.97 3.63
C VAL B 65 3.10 -19.76 2.79
N SER B 66 2.25 -20.75 2.77
CA SER B 66 1.04 -20.64 2.00
C SER B 66 0.16 -19.45 2.38
N GLN B 67 0.05 -19.17 3.68
CA GLN B 67 -0.77 -18.05 4.16
C GLN B 67 -0.15 -16.74 3.74
N ILE B 68 1.17 -16.66 3.84
CA ILE B 68 1.91 -15.44 3.48
C ILE B 68 1.64 -15.13 2.01
N VAL B 69 1.78 -16.15 1.18
CA VAL B 69 1.58 -16.05 -0.28
C VAL B 69 0.14 -15.66 -0.60
N GLU B 70 -0.81 -16.23 0.10
CA GLU B 70 -2.21 -15.91 -0.17
C GLU B 70 -2.51 -14.45 0.15
N LEU B 71 -2.00 -13.96 1.28
CA LEU B 71 -2.24 -12.57 1.68
C LEU B 71 -1.62 -11.61 0.63
N LEU B 72 -0.38 -11.89 0.27
CA LEU B 72 0.29 -11.01 -0.69
C LEU B 72 -0.39 -11.03 -2.04
N HIS B 73 -0.77 -12.21 -2.53
CA HIS B 73 -1.42 -12.34 -3.83
C HIS B 73 -2.73 -11.62 -3.80
N ASN B 74 -3.58 -11.93 -2.83
CA ASN B 74 -4.88 -11.29 -2.80
C ASN B 74 -4.83 -9.78 -2.66
N SER B 75 -3.96 -9.30 -1.78
CA SER B 75 -3.83 -7.86 -1.56
C SER B 75 -3.32 -7.17 -2.84
N SER B 76 -2.38 -7.83 -3.50
CA SER B 76 -1.85 -7.21 -4.71
C SER B 76 -2.95 -7.14 -5.77
N LEU B 77 -3.89 -8.10 -5.82
CA LEU B 77 -4.98 -8.05 -6.78
C LEU B 77 -6.01 -7.00 -6.35
N LEU B 78 -6.23 -6.85 -5.05
CA LEU B 78 -7.21 -5.79 -4.62
C LEU B 78 -6.72 -4.40 -5.11
N ILE B 79 -5.42 -4.17 -4.97
CA ILE B 79 -4.83 -2.88 -5.39
C ILE B 79 -4.76 -2.81 -6.93
N ASP B 80 -4.32 -3.89 -7.53
CA ASP B 80 -4.26 -3.93 -9.00
C ASP B 80 -5.60 -3.56 -9.66
N ASP B 81 -6.73 -4.06 -9.09
CA ASP B 81 -8.00 -3.74 -9.65
C ASP B 81 -8.36 -2.27 -9.52
N ILE B 82 -7.92 -1.60 -8.46
CA ILE B 82 -8.14 -0.14 -8.36
C ILE B 82 -7.24 0.53 -9.44
N GLU B 83 -5.98 0.12 -9.49
CA GLU B 83 -5.04 0.69 -10.51
C GLU B 83 -5.53 0.50 -11.94
N ASP B 84 -6.24 -0.60 -12.17
CA ASP B 84 -6.65 -0.96 -13.53
C ASP B 84 -8.14 -0.65 -13.82
N ASN B 85 -8.80 -0.02 -12.87
CA ASN B 85 -10.23 0.35 -12.95
C ASN B 85 -11.04 -0.85 -13.41
N ALA B 86 -10.76 -1.98 -12.77
CA ALA B 86 -11.39 -3.26 -13.16
C ALA B 86 -12.73 -3.43 -12.46
N PRO B 87 -13.77 -3.73 -13.23
CA PRO B 87 -15.09 -3.91 -12.63
C PRO B 87 -15.33 -5.34 -12.13
N LEU B 88 -14.55 -6.28 -12.63
CA LEU B 88 -14.71 -7.69 -12.30
C LEU B 88 -13.39 -8.44 -12.12
N ARG B 89 -13.40 -9.46 -11.25
CA ARG B 89 -12.23 -10.28 -10.99
C ARG B 89 -12.81 -11.72 -10.78
N ARG B 90 -12.42 -12.65 -11.65
CA ARG B 90 -12.97 -14.03 -11.62
C ARG B 90 -14.52 -14.05 -11.68
N GLY B 91 -15.11 -13.15 -12.44
CA GLY B 91 -16.55 -13.11 -12.56
C GLY B 91 -17.32 -12.40 -11.45
N GLN B 92 -16.61 -11.94 -10.42
CA GLN B 92 -17.28 -11.26 -9.33
C GLN B 92 -16.93 -9.77 -9.28
N THR B 93 -17.86 -8.95 -8.80
CA THR B 93 -17.58 -7.51 -8.67
C THR B 93 -16.31 -7.23 -7.83
N THR B 94 -15.49 -6.29 -8.27
CA THR B 94 -14.28 -6.00 -7.49
C THR B 94 -14.55 -5.31 -6.15
N SER B 95 -13.72 -5.58 -5.16
CA SER B 95 -13.94 -5.02 -3.85
C SER B 95 -14.08 -3.50 -3.78
N HIS B 96 -13.24 -2.78 -4.54
CA HIS B 96 -13.36 -1.34 -4.42
C HIS B 96 -14.72 -0.78 -4.89
N LEU B 97 -15.44 -1.53 -5.73
CA LEU B 97 -16.72 -0.98 -6.17
C LEU B 97 -17.79 -1.20 -5.11
N ILE B 98 -17.48 -2.07 -4.16
CA ILE B 98 -18.40 -2.37 -3.07
C ILE B 98 -18.06 -1.62 -1.76
N PHE B 99 -16.79 -1.63 -1.37
CA PHE B 99 -16.39 -0.99 -0.15
C PHE B 99 -15.74 0.35 -0.33
N GLY B 100 -15.48 0.70 -1.58
CA GLY B 100 -14.86 1.99 -1.89
C GLY B 100 -13.35 1.87 -2.09
N VAL B 101 -12.77 2.76 -2.90
CA VAL B 101 -11.33 2.75 -3.06
C VAL B 101 -10.59 2.97 -1.71
N PRO B 102 -11.01 3.94 -0.88
CA PRO B 102 -10.29 4.15 0.38
C PRO B 102 -10.14 2.96 1.30
N SER B 103 -11.25 2.26 1.61
CA SER B 103 -11.07 1.10 2.52
C SER B 103 -10.31 -0.01 1.82
N THR B 104 -10.51 -0.20 0.50
CA THR B 104 -9.86 -1.30 -0.19
C THR B 104 -8.34 -1.11 -0.22
N ILE B 105 -7.89 0.11 -0.47
CA ILE B 105 -6.44 0.34 -0.44
C ILE B 105 -5.90 0.14 0.97
N ASN B 106 -6.60 0.65 1.97
CA ASN B 106 -6.05 0.58 3.29
C ASN B 106 -6.01 -0.91 3.74
N THR B 107 -7.07 -1.64 3.45
CA THR B 107 -7.09 -3.06 3.86
C THR B 107 -6.03 -3.89 3.16
N ALA B 108 -5.86 -3.66 1.85
CA ALA B 108 -4.83 -4.40 1.13
C ALA B 108 -3.49 -4.12 1.74
N ASN B 109 -3.20 -2.85 2.00
CA ASN B 109 -1.91 -2.52 2.60
C ASN B 109 -1.74 -3.13 3.97
N TYR B 110 -2.80 -3.10 4.77
CA TYR B 110 -2.74 -3.71 6.09
C TYR B 110 -2.36 -5.22 5.93
N MET B 111 -2.91 -5.89 4.94
CA MET B 111 -2.65 -7.34 4.78
C MET B 111 -1.21 -7.57 4.32
N TYR B 112 -0.60 -6.61 3.60
CA TYR B 112 0.81 -6.81 3.25
C TYR B 112 1.60 -6.81 4.57
N PHE B 113 1.23 -5.95 5.53
CA PHE B 113 1.99 -5.92 6.78
C PHE B 113 1.65 -7.12 7.68
N ARG B 114 0.45 -7.63 7.56
CA ARG B 114 0.12 -8.86 8.31
C ARG B 114 0.93 -10.03 7.72
N ALA B 115 1.11 -10.08 6.40
CA ALA B 115 1.93 -11.13 5.81
C ALA B 115 3.38 -10.99 6.29
N MET B 116 3.88 -9.76 6.39
CA MET B 116 5.26 -9.50 6.83
C MET B 116 5.42 -10.09 8.25
N GLN B 117 4.39 -9.91 9.05
CA GLN B 117 4.46 -10.39 10.44
C GLN B 117 4.52 -11.96 10.51
N LEU B 118 3.81 -12.62 9.62
CA LEU B 118 3.80 -14.10 9.53
C LEU B 118 5.19 -14.67 9.19
N VAL B 119 6.05 -13.88 8.54
CA VAL B 119 7.39 -14.32 8.20
C VAL B 119 8.15 -14.62 9.48
N SER B 120 7.92 -13.83 10.54
CA SER B 120 8.65 -14.11 11.77
C SER B 120 8.23 -15.41 12.38
N GLN B 121 7.14 -16.00 11.94
CA GLN B 121 6.74 -17.28 12.51
C GLN B 121 7.25 -18.50 11.73
N LEU B 122 7.97 -18.27 10.64
CA LEU B 122 8.56 -19.36 9.87
C LEU B 122 9.76 -19.96 10.61
N THR B 123 10.44 -19.12 11.40
CA THR B 123 11.60 -19.57 12.13
C THR B 123 11.97 -18.65 13.26
N THR B 124 12.67 -19.19 14.28
CA THR B 124 13.16 -18.32 15.35
C THR B 124 14.68 -18.14 15.21
N LYS B 125 15.29 -18.81 14.24
CA LYS B 125 16.74 -18.66 14.03
C LYS B 125 16.98 -17.31 13.41
N GLU B 126 17.73 -16.47 14.11
CA GLU B 126 17.97 -15.10 13.68
C GLU B 126 18.58 -14.89 12.30
N PRO B 127 19.63 -15.65 11.95
CA PRO B 127 20.24 -15.47 10.63
C PRO B 127 19.27 -15.88 9.53
N LEU B 128 18.64 -17.04 9.69
CA LEU B 128 17.65 -17.50 8.71
C LEU B 128 16.51 -16.45 8.59
N TYR B 129 16.03 -15.97 9.72
CA TYR B 129 14.95 -14.98 9.67
C TYR B 129 15.34 -13.75 8.84
N HIS B 130 16.58 -13.29 9.03
CA HIS B 130 17.07 -12.13 8.29
C HIS B 130 17.01 -12.42 6.80
N ASN B 131 17.38 -13.63 6.43
CA ASN B 131 17.32 -14.00 5.03
C ASN B 131 15.89 -14.07 4.49
N LEU B 132 14.94 -14.61 5.26
CA LEU B 132 13.55 -14.68 4.81
C LEU B 132 12.94 -13.26 4.63
N ILE B 133 13.21 -12.36 5.58
CA ILE B 133 12.72 -10.98 5.44
C ILE B 133 13.39 -10.29 4.21
N THR B 134 14.65 -10.60 3.93
CA THR B 134 15.31 -10.00 2.79
C THR B 134 14.63 -10.52 1.51
N ILE B 135 14.33 -11.81 1.44
CA ILE B 135 13.62 -12.36 0.28
C ILE B 135 12.29 -11.62 0.11
N PHE B 136 11.56 -11.56 1.20
CA PHE B 136 10.26 -10.90 1.20
C PHE B 136 10.39 -9.44 0.69
N ASN B 137 11.27 -8.68 1.29
CA ASN B 137 11.46 -7.26 0.95
C ASN B 137 11.93 -7.15 -0.53
N GLU B 138 12.92 -7.94 -0.97
CA GLU B 138 13.38 -7.84 -2.35
C GLU B 138 12.30 -8.11 -3.39
N GLU B 139 11.51 -9.14 -3.17
CA GLU B 139 10.53 -9.47 -4.21
C GLU B 139 9.29 -8.55 -4.18
N LEU B 140 8.95 -8.02 -3.00
CA LEU B 140 7.88 -7.00 -3.00
C LEU B 140 8.38 -5.74 -3.70
N ILE B 141 9.66 -5.41 -3.53
CA ILE B 141 10.21 -4.27 -4.25
C ILE B 141 10.09 -4.55 -5.77
N ASN B 142 10.50 -5.75 -6.21
CA ASN B 142 10.39 -6.11 -7.62
C ASN B 142 8.97 -6.05 -8.13
N LEU B 143 8.01 -6.61 -7.39
CA LEU B 143 6.64 -6.53 -7.82
C LEU B 143 6.20 -5.04 -8.06
N HIS B 144 6.52 -4.17 -7.16
CA HIS B 144 6.12 -2.77 -7.30
C HIS B 144 6.84 -2.06 -8.44
N ARG B 145 8.08 -2.42 -8.68
CA ARG B 145 8.78 -1.83 -9.82
C ARG B 145 8.10 -2.24 -11.11
N GLY B 146 7.71 -3.51 -11.19
CA GLY B 146 7.09 -4.01 -12.38
C GLY B 146 5.70 -3.41 -12.60
N GLN B 147 4.92 -3.38 -11.54
CA GLN B 147 3.58 -2.78 -11.61
C GLN B 147 3.74 -1.32 -12.02
N GLY B 148 4.73 -0.65 -11.46
CA GLY B 148 5.00 0.76 -11.74
C GLY B 148 5.21 1.04 -13.21
N LEU B 149 6.03 0.21 -13.84
CA LEU B 149 6.28 0.35 -15.27
C LEU B 149 5.04 0.05 -16.10
N ASP B 150 4.28 -0.99 -15.74
CA ASP B 150 3.10 -1.38 -16.47
C ASP B 150 2.11 -0.17 -16.44
N ILE B 151 1.99 0.40 -15.27
CA ILE B 151 1.06 1.55 -15.09
C ILE B 151 1.62 2.78 -15.83
N TYR B 152 2.92 3.01 -15.73
CA TYR B 152 3.52 4.20 -16.37
C TYR B 152 3.32 4.13 -17.90
N TRP B 153 3.64 2.98 -18.49
CA TRP B 153 3.48 2.90 -19.95
C TRP B 153 2.05 3.15 -20.35
N ARG B 154 1.16 2.59 -19.57
CA ARG B 154 -0.24 2.76 -19.90
C ARG B 154 -0.74 4.19 -19.73
N ASP B 155 -0.37 4.81 -18.62
CA ASP B 155 -0.91 6.13 -18.33
C ASP B 155 -0.17 7.27 -19.01
N PHE B 156 1.03 6.99 -19.54
CA PHE B 156 1.74 8.03 -20.31
C PHE B 156 1.67 7.76 -21.81
N LEU B 157 1.05 6.61 -22.22
CA LEU B 157 0.94 6.35 -23.67
C LEU B 157 0.33 7.60 -24.35
N PRO B 158 0.81 7.97 -25.56
CA PRO B 158 1.87 7.35 -26.37
C PRO B 158 3.29 7.87 -26.18
N GLU B 159 3.62 8.25 -24.95
CA GLU B 159 4.95 8.77 -24.72
C GLU B 159 5.97 7.67 -24.97
N ILE B 160 5.73 6.45 -24.46
CA ILE B 160 6.69 5.34 -24.60
C ILE B 160 6.00 4.11 -25.11
N ILE B 161 6.49 3.56 -26.19
CA ILE B 161 5.89 2.32 -26.63
C ILE B 161 6.97 1.26 -26.34
N PRO B 162 6.70 0.35 -25.40
CA PRO B 162 7.67 -0.67 -25.07
C PRO B 162 7.93 -1.65 -26.17
N THR B 163 9.15 -2.19 -26.20
CA THR B 163 9.51 -3.25 -27.11
C THR B 163 9.23 -4.53 -26.36
N GLN B 164 9.24 -5.65 -27.07
CA GLN B 164 9.02 -6.96 -26.41
C GLN B 164 10.04 -7.17 -25.29
N GLU B 165 11.29 -6.74 -25.50
CA GLU B 165 12.29 -6.93 -24.45
C GLU B 165 11.94 -6.11 -23.19
N MET B 166 11.44 -4.90 -23.39
CA MET B 166 11.10 -4.09 -22.25
C MET B 166 9.95 -4.73 -21.51
N TYR B 167 8.98 -5.21 -22.27
CA TYR B 167 7.81 -5.86 -21.70
C TYR B 167 8.26 -7.06 -20.89
N LEU B 168 9.18 -7.86 -21.42
CA LEU B 168 9.60 -9.05 -20.65
C LEU B 168 10.30 -8.71 -19.38
N ASN B 169 11.08 -7.62 -19.38
CA ASN B 169 11.76 -7.19 -18.16
C ASN B 169 10.69 -6.68 -17.14
N MET B 170 9.65 -6.01 -17.64
CA MET B 170 8.58 -5.57 -16.74
C MET B 170 7.90 -6.79 -16.06
N VAL B 171 7.69 -7.84 -16.85
CA VAL B 171 7.01 -9.05 -16.35
C VAL B 171 7.92 -9.77 -15.34
N MET B 172 9.23 -9.83 -15.63
CA MET B 172 10.12 -10.46 -14.65
C MET B 172 10.01 -9.83 -13.26
N ASN B 173 9.74 -8.53 -13.23
CA ASN B 173 9.58 -7.79 -11.97
C ASN B 173 8.16 -8.01 -11.45
N LYS B 174 7.21 -7.63 -12.27
CA LYS B 174 5.79 -7.65 -11.89
C LYS B 174 5.20 -9.02 -11.49
N THR B 175 5.35 -9.99 -12.37
CA THR B 175 4.68 -11.29 -12.15
C THR B 175 5.69 -12.23 -11.52
N GLY B 176 6.94 -12.08 -11.92
CA GLY B 176 8.02 -12.86 -11.36
C GLY B 176 8.16 -12.67 -9.86
N GLY B 177 7.79 -11.48 -9.36
CA GLY B 177 7.98 -11.22 -7.92
C GLY B 177 7.42 -12.23 -6.92
N LEU B 178 6.13 -12.50 -6.95
CA LEU B 178 5.55 -13.45 -5.97
C LEU B 178 5.92 -14.90 -6.30
N PHE B 179 6.21 -15.18 -7.57
CA PHE B 179 6.63 -16.56 -7.91
C PHE B 179 7.97 -16.77 -7.25
N ARG B 180 8.90 -15.82 -7.44
CA ARG B 180 10.20 -15.94 -6.82
C ARG B 180 10.14 -15.86 -5.28
N LEU B 181 9.29 -14.99 -4.75
CA LEU B 181 9.21 -14.89 -3.31
C LEU B 181 8.84 -16.25 -2.70
N THR B 182 7.79 -16.87 -3.20
CA THR B 182 7.28 -18.16 -2.68
C THR B 182 8.38 -19.21 -2.78
N LEU B 183 8.97 -19.35 -3.97
CA LEU B 183 10.03 -20.38 -4.13
C LEU B 183 11.28 -20.09 -3.33
N ARG B 184 11.73 -18.84 -3.26
CA ARG B 184 12.95 -18.53 -2.54
C ARG B 184 12.75 -18.79 -1.05
N LEU B 185 11.56 -18.49 -0.53
CA LEU B 185 11.30 -18.81 0.89
C LEU B 185 11.40 -20.33 1.08
N MET B 186 10.79 -21.09 0.18
CA MET B 186 10.83 -22.55 0.31
C MET B 186 12.26 -23.12 0.20
N GLU B 187 13.03 -22.62 -0.76
CA GLU B 187 14.41 -23.09 -0.91
C GLU B 187 15.23 -22.69 0.32
N ALA B 188 14.92 -21.57 0.96
CA ALA B 188 15.69 -21.17 2.15
C ALA B 188 15.32 -22.01 3.36
N LEU B 189 14.09 -22.48 3.44
CA LEU B 189 13.68 -23.25 4.59
C LEU B 189 13.90 -24.76 4.43
N SER B 190 14.16 -25.20 3.20
CA SER B 190 14.33 -26.62 2.91
C SER B 190 15.28 -27.32 3.87
N PRO B 191 14.85 -28.43 4.49
CA PRO B 191 15.76 -29.11 5.40
C PRO B 191 16.53 -30.18 4.64
N SER B 192 16.24 -30.26 3.34
CA SER B 192 16.86 -31.24 2.44
C SER B 192 18.15 -30.82 1.77
N HIS B 195 19.06 -30.42 -2.40
CA HIS B 195 17.93 -30.69 -3.34
C HIS B 195 18.28 -30.51 -4.83
N GLY B 196 19.44 -29.90 -5.12
CA GLY B 196 19.84 -29.71 -6.51
C GLY B 196 20.06 -28.24 -6.91
N HIS B 197 19.90 -27.94 -8.21
CA HIS B 197 20.06 -26.58 -8.69
C HIS B 197 18.79 -25.81 -8.26
N SER B 198 18.92 -24.51 -7.99
CA SER B 198 17.73 -23.71 -7.60
C SER B 198 16.70 -23.77 -8.69
N LEU B 199 15.43 -23.69 -8.33
CA LEU B 199 14.37 -23.70 -9.32
C LEU B 199 13.94 -22.24 -9.68
N VAL B 200 14.74 -21.25 -9.34
CA VAL B 200 14.31 -19.89 -9.68
C VAL B 200 14.14 -19.69 -11.20
N PRO B 201 15.07 -20.24 -12.05
CA PRO B 201 14.88 -20.07 -13.50
C PRO B 201 13.57 -20.64 -13.99
N PHE B 202 13.25 -21.87 -13.57
CA PHE B 202 11.98 -22.48 -13.92
C PHE B 202 10.83 -21.59 -13.45
N ILE B 203 10.90 -21.08 -12.22
CA ILE B 203 9.75 -20.29 -11.70
C ILE B 203 9.65 -18.92 -12.44
N ASN B 204 10.78 -18.35 -12.88
CA ASN B 204 10.76 -17.11 -13.70
C ASN B 204 10.03 -17.44 -14.99
N LEU B 205 10.33 -18.61 -15.58
CA LEU B 205 9.67 -19.00 -16.83
C LEU B 205 8.17 -19.22 -16.64
N LEU B 206 7.81 -19.80 -15.50
CA LEU B 206 6.40 -20.02 -15.16
C LEU B 206 5.70 -18.67 -15.11
N GLY B 207 6.34 -17.70 -14.45
CA GLY B 207 5.73 -16.38 -14.34
C GLY B 207 5.53 -15.71 -15.71
N ILE B 208 6.51 -15.82 -16.59
CA ILE B 208 6.40 -15.22 -17.94
C ILE B 208 5.27 -15.88 -18.70
N ILE B 209 5.26 -17.21 -18.69
CA ILE B 209 4.19 -17.92 -19.35
C ILE B 209 2.87 -17.50 -18.77
N TYR B 210 2.78 -17.46 -17.43
CA TYR B 210 1.48 -17.09 -16.85
C TYR B 210 1.03 -15.70 -17.35
N GLN B 211 1.96 -14.75 -17.42
CA GLN B 211 1.48 -13.37 -17.76
C GLN B 211 1.12 -13.23 -19.24
N ILE B 212 1.92 -13.85 -20.12
CA ILE B 212 1.57 -13.78 -21.56
C ILE B 212 0.28 -14.48 -21.78
N ARG B 213 0.05 -15.61 -21.11
CA ARG B 213 -1.23 -16.29 -21.26
C ARG B 213 -2.41 -15.46 -20.76
N ASP B 214 -2.22 -14.77 -19.65
CA ASP B 214 -3.25 -13.91 -19.09
C ASP B 214 -3.62 -12.85 -20.15
N ASP B 215 -2.60 -12.20 -20.70
CA ASP B 215 -2.82 -11.13 -21.69
C ASP B 215 -3.49 -11.69 -22.93
N TYR B 216 -3.05 -12.87 -23.34
CA TYR B 216 -3.62 -13.52 -24.55
C TYR B 216 -5.10 -13.91 -24.37
N LEU B 217 -5.38 -14.61 -23.29
CA LEU B 217 -6.74 -15.07 -23.06
C LEU B 217 -7.72 -13.92 -22.87
N ASN B 218 -7.25 -12.82 -22.30
CA ASN B 218 -8.15 -11.68 -22.14
C ASN B 218 -8.73 -11.29 -23.50
N LEU B 219 -7.90 -11.27 -24.55
CA LEU B 219 -8.39 -10.94 -25.90
C LEU B 219 -9.06 -12.13 -26.63
N LYS B 220 -8.45 -13.31 -26.51
CA LYS B 220 -8.92 -14.50 -27.21
C LYS B 220 -10.28 -14.94 -26.75
N ASP B 221 -10.56 -14.86 -25.46
CA ASP B 221 -11.88 -15.26 -24.97
C ASP B 221 -12.91 -14.34 -25.60
N PHE B 222 -12.61 -13.04 -25.65
CA PHE B 222 -13.58 -12.11 -26.23
C PHE B 222 -13.84 -12.35 -27.71
N GLN B 223 -12.77 -12.61 -28.46
CA GLN B 223 -12.83 -12.87 -29.89
C GLN B 223 -13.47 -14.23 -30.23
N PHE B 230 -14.65 -10.12 -22.35
CA PHE B 230 -14.99 -8.66 -22.27
C PHE B 230 -13.82 -7.85 -22.84
N ALA B 231 -12.69 -8.53 -23.01
CA ALA B 231 -11.43 -7.91 -23.47
C ALA B 231 -11.23 -6.62 -22.66
N GLU B 232 -11.34 -6.74 -21.33
CA GLU B 232 -11.21 -5.56 -20.43
C GLU B 232 -9.87 -4.89 -20.60
N ASP B 233 -8.84 -5.66 -20.96
CA ASP B 233 -7.51 -5.05 -21.16
C ASP B 233 -7.54 -3.92 -22.19
N ILE B 234 -8.44 -4.02 -23.16
CA ILE B 234 -8.48 -2.92 -24.15
C ILE B 234 -9.05 -1.67 -23.46
N THR B 235 -10.11 -1.85 -22.67
CA THR B 235 -10.73 -0.75 -21.95
C THR B 235 -9.70 -0.07 -21.02
N GLU B 236 -8.83 -0.91 -20.44
CA GLU B 236 -7.79 -0.48 -19.52
C GLU B 236 -6.70 0.31 -20.29
N GLY B 237 -6.49 -0.03 -21.56
CA GLY B 237 -5.44 0.63 -22.35
C GLY B 237 -4.07 -0.01 -22.09
N LYS B 238 -4.08 -1.23 -21.55
CA LYS B 238 -2.86 -1.96 -21.13
C LYS B 238 -1.90 -2.31 -22.26
N LEU B 239 -0.58 -2.15 -22.05
CA LEU B 239 0.43 -2.52 -23.05
C LEU B 239 0.68 -4.04 -22.82
N SER B 240 -0.31 -4.83 -23.21
CA SER B 240 -0.28 -6.29 -23.07
C SER B 240 0.63 -6.90 -24.13
N PHE B 241 1.01 -8.16 -23.95
CA PHE B 241 1.93 -8.74 -24.93
C PHE B 241 1.49 -8.65 -26.42
N PRO B 242 0.22 -8.95 -26.74
CA PRO B 242 -0.18 -8.87 -28.15
C PRO B 242 -0.19 -7.40 -28.65
N ILE B 243 -0.51 -6.47 -27.75
CA ILE B 243 -0.55 -5.04 -28.14
C ILE B 243 0.84 -4.53 -28.42
N VAL B 244 1.78 -4.96 -27.61
CA VAL B 244 3.18 -4.55 -27.75
C VAL B 244 3.69 -5.13 -29.12
N HIS B 245 3.35 -6.38 -29.40
CA HIS B 245 3.74 -6.94 -30.68
C HIS B 245 3.11 -6.12 -31.83
N ALA B 246 1.82 -5.82 -31.70
CA ALA B 246 1.14 -5.11 -32.78
C ALA B 246 1.70 -3.70 -33.00
N LEU B 247 2.03 -2.96 -31.94
CA LEU B 247 2.57 -1.61 -32.11
C LEU B 247 3.97 -1.60 -32.70
N ASN B 248 4.80 -2.57 -32.29
CA ASN B 248 6.13 -2.63 -32.81
C ASN B 248 6.13 -3.16 -34.25
N PHE B 249 5.18 -4.05 -34.54
CA PHE B 249 5.05 -4.61 -35.89
C PHE B 249 4.62 -3.54 -36.89
N THR B 250 3.58 -2.77 -36.57
CA THR B 250 3.15 -1.74 -37.49
C THR B 250 4.21 -0.66 -37.66
N LYS B 251 4.97 -0.40 -36.61
CA LYS B 251 6.02 0.59 -36.67
C LYS B 251 7.14 0.11 -37.60
N THR B 252 7.54 -1.14 -37.44
CA THR B 252 8.58 -1.73 -38.27
C THR B 252 8.20 -1.77 -39.74
N LYS B 253 6.94 -2.04 -40.04
CA LYS B 253 6.45 -2.12 -41.40
C LYS B 253 6.09 -0.76 -41.98
N GLY B 254 6.24 0.33 -41.23
CA GLY B 254 5.84 1.64 -41.76
C GLY B 254 4.34 1.72 -41.93
N GLN B 255 3.58 0.92 -41.15
CA GLN B 255 2.13 0.94 -41.28
C GLN B 255 1.58 2.01 -40.36
N THR B 256 1.87 3.25 -40.73
CA THR B 256 1.49 4.42 -39.96
C THR B 256 0.04 4.48 -39.54
N GLU B 257 -0.89 4.32 -40.47
CA GLU B 257 -2.31 4.43 -40.11
C GLU B 257 -2.72 3.36 -39.13
N GLN B 258 -2.26 2.13 -39.34
CA GLN B 258 -2.67 1.04 -38.45
C GLN B 258 -2.10 1.25 -37.06
N HIS B 259 -0.84 1.70 -36.99
CA HIS B 259 -0.14 1.96 -35.71
C HIS B 259 -0.98 2.99 -34.93
N ASN B 260 -1.29 4.08 -35.61
CA ASN B 260 -2.08 5.13 -34.96
C ASN B 260 -3.48 4.68 -34.55
N GLU B 261 -4.12 3.85 -35.36
CA GLU B 261 -5.47 3.37 -34.99
C GLU B 261 -5.40 2.47 -33.71
N ILE B 262 -4.36 1.64 -33.58
CA ILE B 262 -4.24 0.84 -32.33
C ILE B 262 -4.11 1.84 -31.15
N LEU B 263 -3.25 2.86 -31.30
CA LEU B 263 -3.12 3.83 -30.23
C LEU B 263 -4.42 4.54 -29.95
N ARG B 264 -5.16 4.95 -30.99
CA ARG B 264 -6.42 5.65 -30.77
C ARG B 264 -7.41 4.83 -29.98
N ILE B 265 -7.52 3.55 -30.32
CA ILE B 265 -8.49 2.73 -29.59
C ILE B 265 -8.06 2.53 -28.14
N LEU B 266 -6.78 2.27 -27.90
CA LEU B 266 -6.34 2.13 -26.51
C LEU B 266 -6.60 3.38 -25.69
N LEU B 267 -6.38 4.55 -26.29
CA LEU B 267 -6.57 5.81 -25.58
C LEU B 267 -8.02 6.12 -25.32
N LEU B 268 -8.93 5.44 -26.03
CA LEU B 268 -10.36 5.70 -25.78
C LEU B 268 -10.82 5.19 -24.42
N ARG B 269 -10.12 4.19 -23.87
CA ARG B 269 -10.52 3.56 -22.61
C ARG B 269 -12.01 3.16 -22.81
N THR B 270 -12.29 2.52 -23.95
CA THR B 270 -13.67 2.21 -24.31
C THR B 270 -14.25 0.86 -23.82
N SER B 271 -15.52 0.89 -23.43
CA SER B 271 -16.24 -0.35 -23.09
C SER B 271 -17.12 -0.77 -24.29
N ASP B 272 -16.97 -0.08 -25.44
CA ASP B 272 -17.82 -0.34 -26.62
C ASP B 272 -17.37 -1.63 -27.30
N LYS B 273 -18.22 -2.64 -27.22
CA LYS B 273 -17.88 -3.96 -27.81
C LYS B 273 -17.49 -3.85 -29.28
N ASP B 274 -18.19 -3.02 -30.05
CA ASP B 274 -17.85 -2.91 -31.46
C ASP B 274 -16.44 -2.32 -31.71
N ILE B 275 -16.02 -1.35 -30.90
CA ILE B 275 -14.69 -0.76 -31.10
C ILE B 275 -13.67 -1.75 -30.60
N LYS B 276 -13.95 -2.43 -29.49
CA LYS B 276 -12.99 -3.41 -29.01
C LYS B 276 -12.75 -4.46 -30.10
N LEU B 277 -13.83 -4.90 -30.72
CA LEU B 277 -13.73 -5.86 -31.81
C LEU B 277 -12.92 -5.36 -33.01
N LYS B 278 -12.94 -4.06 -33.26
CA LYS B 278 -12.15 -3.51 -34.36
C LYS B 278 -10.67 -3.64 -34.02
N LEU B 279 -10.29 -3.42 -32.76
CA LEU B 279 -8.87 -3.57 -32.45
C LEU B 279 -8.44 -5.04 -32.56
N ILE B 280 -9.32 -5.94 -32.16
CA ILE B 280 -9.02 -7.37 -32.28
C ILE B 280 -8.84 -7.71 -33.80
N GLN B 281 -9.64 -7.12 -34.68
CA GLN B 281 -9.50 -7.31 -36.13
C GLN B 281 -8.14 -6.86 -36.61
N ILE B 282 -7.66 -5.73 -36.12
CA ILE B 282 -6.35 -5.26 -36.52
C ILE B 282 -5.30 -6.27 -36.12
N LEU B 283 -5.42 -6.73 -34.88
CA LEU B 283 -4.46 -7.69 -34.38
C LEU B 283 -4.53 -9.03 -35.11
N GLU B 284 -5.72 -9.41 -35.54
CA GLU B 284 -5.84 -10.69 -36.23
C GLU B 284 -5.47 -10.66 -37.72
N PHE B 285 -6.02 -9.67 -38.44
CA PHE B 285 -5.81 -9.54 -39.89
C PHE B 285 -4.63 -8.74 -40.32
N ASP B 286 -4.25 -7.75 -39.52
CA ASP B 286 -3.12 -6.93 -39.91
C ASP B 286 -1.80 -7.33 -39.36
N THR B 287 -1.70 -7.50 -38.04
CA THR B 287 -0.40 -7.83 -37.48
C THR B 287 -0.28 -9.29 -37.14
N ASN B 288 -1.40 -10.01 -37.15
CA ASN B 288 -1.41 -11.44 -36.74
C ASN B 288 -0.75 -11.61 -35.34
N SER B 289 -1.01 -10.65 -34.48
CA SER B 289 -0.47 -10.68 -33.13
C SER B 289 -1.06 -11.76 -32.22
N LEU B 290 -2.31 -12.22 -32.43
CA LEU B 290 -2.82 -13.23 -31.51
C LEU B 290 -2.14 -14.56 -31.83
N ALA B 291 -2.02 -14.87 -33.12
CA ALA B 291 -1.32 -16.10 -33.52
C ALA B 291 0.16 -15.98 -33.10
N TYR B 292 0.77 -14.79 -33.24
CA TYR B 292 2.16 -14.63 -32.81
C TYR B 292 2.33 -14.98 -31.31
N THR B 293 1.40 -14.51 -30.50
CA THR B 293 1.42 -14.74 -29.04
C THR B 293 1.15 -16.21 -28.71
N LYS B 294 0.27 -16.82 -29.46
CA LYS B 294 -0.05 -18.24 -29.19
C LYS B 294 1.20 -19.07 -29.43
N ASN B 295 1.87 -18.75 -30.53
CA ASN B 295 3.06 -19.46 -30.86
C ASN B 295 4.17 -19.19 -29.85
N PHE B 296 4.24 -17.97 -29.34
CA PHE B 296 5.29 -17.62 -28.37
C PHE B 296 5.12 -18.36 -27.03
N ILE B 297 3.89 -18.47 -26.55
CA ILE B 297 3.60 -19.19 -25.32
C ILE B 297 3.96 -20.68 -25.59
N ASN B 298 3.54 -21.20 -26.73
CA ASN B 298 3.88 -22.61 -27.07
C ASN B 298 5.40 -22.83 -27.03
N GLN B 299 6.16 -21.91 -27.61
CA GLN B 299 7.61 -22.03 -27.60
C GLN B 299 8.14 -22.01 -26.16
N LEU B 300 7.61 -21.12 -25.31
CA LEU B 300 8.07 -21.08 -23.93
C LEU B 300 7.77 -22.44 -23.26
N VAL B 301 6.53 -22.93 -23.41
CA VAL B 301 6.09 -24.20 -22.81
C VAL B 301 6.97 -25.36 -23.29
N ASN B 302 7.23 -25.40 -24.61
CA ASN B 302 8.07 -26.48 -25.15
C ASN B 302 9.45 -26.44 -24.51
N MET B 303 9.97 -25.27 -24.14
CA MET B 303 11.30 -25.24 -23.49
C MET B 303 11.27 -26.12 -22.23
N ILE B 304 10.11 -26.32 -21.63
CA ILE B 304 10.00 -27.15 -20.45
C ILE B 304 9.61 -28.58 -20.90
N LYS B 305 8.75 -28.69 -21.89
CA LYS B 305 8.32 -30.01 -22.36
C LYS B 305 9.51 -30.81 -22.90
N ASN B 306 10.49 -30.13 -23.48
CA ASN B 306 11.64 -30.80 -24.05
C ASN B 306 12.89 -30.69 -23.20
N ASP B 307 12.71 -30.52 -21.90
CA ASP B 307 13.85 -30.36 -21.01
C ASP B 307 14.27 -31.74 -20.47
N ASN B 308 14.66 -32.58 -21.43
CA ASN B 308 15.07 -33.96 -21.19
C ASN B 308 16.25 -34.11 -20.22
N GLU B 309 17.12 -33.11 -20.17
CA GLU B 309 18.27 -33.13 -19.30
C GLU B 309 17.98 -32.45 -17.95
N ASN B 310 16.72 -32.12 -17.69
CA ASN B 310 16.31 -31.43 -16.47
C ASN B 310 17.18 -30.22 -16.09
N LYS B 311 17.39 -29.33 -17.06
CA LYS B 311 18.16 -28.13 -16.78
C LYS B 311 17.25 -27.11 -16.04
N TYR B 312 15.95 -27.17 -16.30
CA TYR B 312 15.01 -26.23 -15.68
C TYR B 312 14.19 -26.93 -14.60
N LEU B 313 13.63 -28.06 -14.97
CA LEU B 313 12.79 -28.87 -14.09
C LEU B 313 13.70 -29.43 -13.03
N PRO B 314 13.11 -29.94 -11.94
CA PRO B 314 13.96 -30.49 -10.89
C PRO B 314 14.61 -31.79 -11.37
N LEU B 331 3.81 -30.55 -16.05
CA LEU B 331 2.94 -30.61 -17.26
C LEU B 331 1.59 -30.01 -16.97
N TYR B 332 0.82 -30.75 -16.18
CA TYR B 332 -0.55 -30.38 -15.81
C TYR B 332 -0.71 -28.97 -15.24
N ILE B 333 0.13 -28.60 -14.27
CA ILE B 333 0.06 -27.27 -13.68
C ILE B 333 0.26 -26.25 -14.78
N ILE B 334 1.38 -26.37 -15.48
CA ILE B 334 1.72 -25.46 -16.57
C ILE B 334 0.57 -25.25 -17.57
N ASP B 335 -0.16 -26.32 -17.87
CA ASP B 335 -1.28 -26.17 -18.80
C ASP B 335 -2.49 -25.43 -18.22
N HIS B 336 -2.71 -25.54 -16.91
CA HIS B 336 -3.82 -24.85 -16.22
C HIS B 336 -3.31 -23.60 -15.47
N LEU B 337 -2.12 -23.14 -15.85
CA LEU B 337 -1.44 -21.98 -15.23
C LEU B 337 -2.29 -20.73 -15.11
N SER B 338 -3.23 -20.57 -16.03
CA SER B 338 -4.10 -19.41 -16.06
C SER B 338 -5.08 -19.29 -14.91
N GLU B 339 -5.20 -20.32 -14.08
CA GLU B 339 -6.16 -20.22 -12.97
C GLU B 339 -5.62 -20.22 -11.54
MG MG C . -7.12 10.52 6.47
MG MG D . -6.23 13.20 5.33
C20 GRG E . 11.04 11.73 17.11
C19 GRG E . 8.51 11.03 17.42
C18 GRG E . 9.60 11.67 16.58
C17 GRG E . 9.32 12.25 15.34
C16 GRG E . 8.09 12.29 14.69
C14 GRG E . 6.94 11.07 11.12
C13 GRG E . 6.99 11.89 12.40
C15 GRG E . 8.28 11.87 13.24
C12 GRG E . 5.90 12.67 12.79
C11 GRG E . 4.68 12.82 12.15
C9 GRG E . 3.83 11.55 12.20
C8 GRG E . 2.41 11.79 11.68
C10 GRG E . 1.76 13.17 11.78
C7 GRG E . 1.69 10.76 11.10
C6 GRG E . 0.38 10.85 10.61
C5 GRG E . 0.30 10.42 9.15
C3 GRG E . -1.12 10.01 8.73
C4 GRG E . -1.53 8.55 8.87
C2 GRG E . -2.02 10.95 8.23
C1 GRG E . -3.31 10.71 7.79
O1 GRG E . -4.34 11.09 8.70
PA GRG E . -5.32 12.35 8.50
O1A GRG E . -6.15 12.25 7.12
O3A GRG E . -4.26 13.55 8.35
O2A GRG E . -6.18 12.56 9.70
PB GRG E . -4.43 14.92 7.54
O1B GRG E . -2.92 15.44 7.46
O2B GRG E . -4.94 14.63 6.04
O3B GRG E . -5.24 15.93 8.27
MG MG F . -5.01 -5.95 -13.61
MG MG G . -2.37 -4.37 -13.49
C20 GRG H . 5.38 -22.26 -5.42
C19 GRG H . 5.80 -20.31 -7.17
C18 GRG H . 4.88 -21.03 -6.18
C17 GRG H . 3.57 -20.57 -6.00
C16 GRG H . 3.00 -19.47 -6.61
C14 GRG H . 1.20 -16.24 -5.14
C13 GRG H . 1.60 -17.35 -6.11
C15 GRG H . 2.34 -18.58 -5.55
C12 GRG H . 1.26 -17.25 -7.46
C11 GRG H . 0.60 -16.19 -8.07
C9 GRG H . 1.54 -15.01 -8.33
C8 GRG H . 0.94 -13.97 -9.28
C10 GRG H . -0.12 -14.39 -10.29
C7 GRG H . 1.35 -12.64 -9.19
C6 GRG H . 0.94 -11.55 -9.98
C5 GRG H . -0.09 -10.65 -9.31
C3 GRG H . -0.16 -9.26 -9.94
C4 GRG H . 0.90 -8.22 -9.60
C2 GRG H . -1.21 -8.91 -10.78
C1 GRG H . -1.41 -7.68 -11.41
O1 GRG H . -1.02 -7.67 -12.79
PA GRG H . -2.08 -7.61 -14.01
O1A GRG H . -2.98 -6.29 -13.88
O3A GRG H . -3.00 -8.89 -13.65
O2A GRG H . -1.36 -7.74 -15.30
PB GRG H . -4.54 -9.11 -14.08
O1B GRG H . -5.04 -10.33 -13.17
O2B GRG H . -5.45 -7.86 -13.70
O3B GRG H . -4.67 -9.47 -15.51
#